data_8RRN
#
_entry.id   8RRN
#
_cell.length_a   173.100
_cell.length_b   59.060
_cell.length_c   152.030
_cell.angle_alpha   90.000
_cell.angle_beta   95.450
_cell.angle_gamma   90.000
#
_symmetry.space_group_name_H-M   'C 1 2 1'
#
loop_
_entity.id
_entity.type
_entity.pdbx_description
1 polymer 'Spike protein S1'
2 polymer 'pT1616 Fab heavy chain'
3 polymer 'pT1616 Fab light chain'
#
loop_
_entity_poly.entity_id
_entity_poly.type
_entity_poly.pdbx_seq_one_letter_code
_entity_poly.pdbx_strand_id
1 'polypeptide(L)'
;NLCPFGEVFNATRFASVYAWNRKRISNCVADYSVLYNSASFSTFKCYGVSPTKLNDLCFTNVYADSFVIRGDEVRQIAPG
QTGKIADYNYKLPDDFTGCVIAWNSNNLDSKVGGNYNYLYRLFRKSNLKPFERDISTEIYQAGSTPCNGVEGFNCYFPLQ
SYGFQPTNGVGYQPYRVVVLSFELLHAPATVCGPDDDDK
;
A,B
2 'polypeptide(L)'
;QVQLVQSGAEVKKPGSSVKVSCKASGGTFSSYTISWVRQAPGQGLECMGRIIPILGIANYAQKFQGRVTITADKSTSIAY
MEVSSLRSEDTAVYYCATEVGYSGYGSAEYFNHWGQGTPVTVSSASTKGPSVFPLAPSSKSTSGGTAALGCLVKDYFPEP
VTVSWNSGALTSGVHTFPAVLQSSGLYSLSSVVTVPSSSLGTQTYICNVNHKPSNTKVDKRVEPKSCDKTDDDDK
;
H,C
3 'polypeptide(L)'
;QSVLTQPPSVSGAPGQRVTISCTGSNSNIGAGYDVHWYQQLPGTAPKLLIYANNNRPSGVPDRFSGSRSGTSASLVITGL
QADDEADYYCQSYDSSLTGSLFGGGTKLTVLGQPKAAPSVTLFPPSSEELQANKATLVCLISDFYPGAVTVAWKADSSPV
KAGVETTTPSKQSNNKYAASSYLSLTPEQWKSHRSYSCQVTHEGSTVEKTVAPTECS
;
L,D
#
# COMPACT_ATOMS: atom_id res chain seq x y z
N LEU A 2 -7.90 -14.99 -26.81
CA LEU A 2 -8.76 -13.80 -26.72
C LEU A 2 -9.39 -13.75 -25.34
N CYS A 3 -9.13 -12.68 -24.61
CA CYS A 3 -9.58 -12.62 -23.22
C CYS A 3 -10.89 -11.86 -23.10
N PRO A 4 -11.94 -12.46 -22.50
CA PRO A 4 -13.26 -11.80 -22.52
C PRO A 4 -13.42 -10.82 -21.36
N PHE A 5 -12.68 -9.72 -21.42
CA PHE A 5 -12.80 -8.72 -20.36
C PHE A 5 -14.14 -7.99 -20.43
N GLY A 6 -14.71 -7.84 -21.63
CA GLY A 6 -15.88 -7.00 -21.80
C GLY A 6 -17.10 -7.46 -21.03
N GLU A 7 -17.24 -8.78 -20.81
CA GLU A 7 -18.47 -9.30 -20.22
C GLU A 7 -18.70 -8.77 -18.81
N VAL A 8 -17.62 -8.55 -18.05
CA VAL A 8 -17.78 -8.04 -16.70
C VAL A 8 -18.03 -6.54 -16.73
N PHE A 9 -17.46 -5.83 -17.70
CA PHE A 9 -17.66 -4.40 -17.81
C PHE A 9 -19.04 -4.11 -18.39
N ASN A 10 -19.40 -4.76 -19.48
CA ASN A 10 -20.72 -4.61 -20.07
C ASN A 10 -21.73 -5.62 -19.52
N ALA A 11 -21.69 -5.88 -18.21
CA ALA A 11 -22.61 -6.81 -17.60
C ALA A 11 -23.95 -6.13 -17.34
N THR A 12 -25.03 -6.93 -17.40
CA THR A 12 -26.35 -6.36 -17.16
C THR A 12 -26.49 -5.89 -15.70
N ARG A 13 -26.21 -6.78 -14.76
CA ARG A 13 -26.37 -6.49 -13.33
C ARG A 13 -25.04 -6.64 -12.61
N PHE A 14 -24.78 -5.73 -11.69
CA PHE A 14 -23.62 -5.76 -10.81
C PHE A 14 -24.03 -6.17 -9.41
N ALA A 15 -23.06 -6.64 -8.64
CA ALA A 15 -23.29 -7.10 -7.28
C ALA A 15 -23.23 -5.95 -6.28
N SER A 16 -23.59 -6.26 -5.03
CA SER A 16 -23.44 -5.32 -3.93
C SER A 16 -22.02 -5.38 -3.39
N VAL A 17 -21.57 -4.24 -2.85
CA VAL A 17 -20.17 -4.11 -2.43
C VAL A 17 -19.84 -5.05 -1.28
N TYR A 18 -20.79 -5.24 -0.35
CA TYR A 18 -20.54 -6.13 0.78
C TYR A 18 -20.37 -7.55 0.30
N ALA A 19 -20.95 -7.90 -0.88
CA ALA A 19 -20.84 -9.23 -1.48
C ALA A 19 -20.44 -9.08 -2.95
N TRP A 20 -19.20 -8.68 -3.19
CA TRP A 20 -18.73 -8.43 -4.54
C TRP A 20 -18.55 -9.75 -5.30
N ASN A 21 -18.54 -9.66 -6.62
CA ASN A 21 -18.40 -10.83 -7.49
C ASN A 21 -17.00 -10.90 -8.03
N ARG A 22 -16.37 -12.08 -7.89
CA ARG A 22 -15.04 -12.33 -8.42
C ARG A 22 -15.12 -13.37 -9.54
N LYS A 23 -14.39 -13.10 -10.62
CA LYS A 23 -14.31 -14.00 -11.76
C LYS A 23 -12.85 -14.19 -12.12
N ARG A 24 -12.39 -15.43 -12.17
CA ARG A 24 -11.03 -15.71 -12.59
C ARG A 24 -10.94 -15.59 -14.10
N ILE A 25 -9.81 -15.08 -14.60
CA ILE A 25 -9.61 -14.86 -16.03
C ILE A 25 -8.26 -15.49 -16.35
N SER A 26 -8.28 -16.79 -16.65
CA SER A 26 -7.08 -17.54 -16.96
C SER A 26 -7.18 -18.09 -18.37
N ASN A 27 -6.04 -18.55 -18.89
CA ASN A 27 -5.94 -19.18 -20.20
C ASN A 27 -6.41 -18.25 -21.31
N CYS A 28 -6.15 -16.96 -21.15
CA CYS A 28 -6.57 -15.93 -22.09
C CYS A 28 -5.41 -14.98 -22.36
N VAL A 29 -5.48 -14.30 -23.49
CA VAL A 29 -4.52 -13.25 -23.85
C VAL A 29 -5.19 -11.89 -23.66
N ALA A 30 -4.84 -11.20 -22.59
CA ALA A 30 -5.51 -9.96 -22.22
C ALA A 30 -4.89 -8.79 -22.98
N ASP A 31 -5.53 -8.36 -24.06
CA ASP A 31 -5.16 -7.13 -24.76
C ASP A 31 -5.86 -5.96 -24.08
N TYR A 32 -5.15 -5.27 -23.20
CA TYR A 32 -5.73 -4.17 -22.45
C TYR A 32 -5.90 -2.90 -23.28
N SER A 33 -5.34 -2.86 -24.50
CA SER A 33 -5.52 -1.68 -25.33
C SER A 33 -6.99 -1.44 -25.66
N VAL A 34 -7.76 -2.52 -25.82
CA VAL A 34 -9.19 -2.37 -26.10
C VAL A 34 -9.98 -1.98 -24.85
N LEU A 35 -9.32 -1.97 -23.69
CA LEU A 35 -9.94 -1.56 -22.43
C LEU A 35 -9.84 -0.06 -22.23
N TYR A 36 -8.78 0.55 -22.75
CA TYR A 36 -8.64 2.00 -22.74
C TYR A 36 -9.51 2.68 -23.79
N ASN A 37 -10.20 1.90 -24.63
CA ASN A 37 -11.02 2.50 -25.68
C ASN A 37 -11.99 3.51 -25.10
N SER A 38 -12.87 3.03 -24.22
CA SER A 38 -13.88 3.88 -23.64
C SER A 38 -13.24 4.99 -22.81
N ALA A 39 -13.73 6.21 -22.99
CA ALA A 39 -13.48 7.35 -22.12
C ALA A 39 -14.47 7.36 -20.95
N SER A 40 -15.33 6.34 -20.88
CA SER A 40 -16.42 6.29 -19.91
C SER A 40 -15.92 5.99 -18.51
N PHE A 41 -14.70 5.46 -18.40
CA PHE A 41 -14.19 5.05 -17.10
C PHE A 41 -13.53 6.25 -16.46
N SER A 42 -14.34 7.03 -15.72
CA SER A 42 -13.83 8.27 -15.12
C SER A 42 -12.61 8.02 -14.26
N THR A 43 -12.65 6.98 -13.42
CA THR A 43 -11.56 6.72 -12.49
C THR A 43 -10.88 5.43 -12.93
N PHE A 44 -9.69 5.57 -13.50
CA PHE A 44 -8.85 4.47 -13.96
C PHE A 44 -7.47 4.67 -13.33
N LYS A 45 -7.13 3.85 -12.36
CA LYS A 45 -5.85 3.95 -11.69
C LYS A 45 -5.21 2.58 -11.57
N CYS A 46 -3.92 2.49 -11.88
CA CYS A 46 -3.14 1.26 -11.77
C CYS A 46 -2.11 1.43 -10.67
N TYR A 47 -1.79 0.31 -10.01
CA TYR A 47 -0.87 0.31 -8.88
C TYR A 47 0.13 -0.81 -9.06
N GLY A 48 1.40 -0.46 -9.23
CA GLY A 48 2.46 -1.45 -9.24
C GLY A 48 2.82 -2.03 -10.58
N VAL A 49 2.44 -1.39 -11.68
CA VAL A 49 2.70 -1.92 -13.01
C VAL A 49 3.27 -0.82 -13.88
N SER A 50 4.12 -1.22 -14.82
CA SER A 50 4.70 -0.28 -15.75
C SER A 50 3.61 0.37 -16.60
N PRO A 51 3.81 1.64 -16.98
CA PRO A 51 2.76 2.31 -17.76
C PRO A 51 2.57 1.73 -19.15
N THR A 52 3.65 1.25 -19.78
CA THR A 52 3.57 0.75 -21.16
C THR A 52 3.53 -0.77 -21.23
N LYS A 53 4.18 -1.47 -20.30
CA LYS A 53 4.19 -2.93 -20.31
C LYS A 53 2.87 -3.53 -19.82
N LEU A 54 1.80 -2.73 -19.69
CA LEU A 54 0.52 -3.31 -19.29
C LEU A 54 0.08 -4.39 -20.26
N ASN A 55 0.23 -4.12 -21.57
CA ASN A 55 -0.11 -5.07 -22.60
C ASN A 55 1.01 -6.06 -22.90
N ASP A 56 2.21 -5.82 -22.39
CA ASP A 56 3.33 -6.72 -22.65
C ASP A 56 3.82 -7.40 -21.38
N LEU A 57 2.93 -8.08 -20.68
CA LEU A 57 3.30 -8.75 -19.43
C LEU A 57 2.54 -10.05 -19.29
N CYS A 58 3.16 -10.99 -18.58
CA CYS A 58 2.57 -12.29 -18.28
C CYS A 58 2.23 -12.37 -16.79
N PHE A 59 1.02 -12.84 -16.48
CA PHE A 59 0.59 -13.03 -15.10
C PHE A 59 0.01 -14.43 -14.93
N THR A 60 0.34 -15.06 -13.81
CA THR A 60 -0.17 -16.41 -13.55
C THR A 60 -1.69 -16.41 -13.48
N ASN A 61 -2.26 -15.47 -12.72
CA ASN A 61 -3.70 -15.37 -12.55
C ASN A 61 -4.08 -13.90 -12.59
N VAL A 62 -5.30 -13.65 -13.07
CA VAL A 62 -5.87 -12.32 -13.10
C VAL A 62 -7.31 -12.44 -12.67
N TYR A 63 -7.66 -11.84 -11.54
CA TYR A 63 -9.02 -11.83 -11.00
C TYR A 63 -9.71 -10.49 -11.27
N ALA A 64 -11.02 -10.54 -11.29
CA ALA A 64 -11.85 -9.34 -11.41
C ALA A 64 -12.83 -9.28 -10.24
N ASP A 65 -13.03 -8.11 -9.67
CA ASP A 65 -13.95 -7.90 -8.56
C ASP A 65 -14.83 -6.72 -8.88
N SER A 66 -16.14 -6.95 -8.98
CA SER A 66 -17.08 -5.92 -9.42
C SER A 66 -18.17 -5.72 -8.38
N PHE A 67 -18.66 -4.49 -8.34
CA PHE A 67 -19.67 -4.08 -7.37
C PHE A 67 -20.10 -2.66 -7.67
N VAL A 68 -20.99 -2.11 -6.85
CA VAL A 68 -21.56 -0.78 -7.06
C VAL A 68 -21.52 -0.04 -5.73
N ILE A 69 -21.05 1.21 -5.77
CA ILE A 69 -21.00 2.07 -4.60
C ILE A 69 -21.28 3.50 -5.05
N ARG A 70 -21.31 4.41 -4.10
CA ARG A 70 -21.48 5.83 -4.40
C ARG A 70 -20.20 6.44 -4.99
N GLY A 71 -20.37 7.53 -5.72
CA GLY A 71 -19.24 8.15 -6.40
C GLY A 71 -18.16 8.64 -5.46
N ASP A 72 -18.53 9.15 -4.30
CA ASP A 72 -17.55 9.64 -3.35
C ASP A 72 -16.80 8.53 -2.63
N GLU A 73 -17.19 7.27 -2.82
CA GLU A 73 -16.53 6.14 -2.18
C GLU A 73 -15.54 5.45 -3.09
N VAL A 74 -15.40 5.89 -4.34
CA VAL A 74 -14.39 5.32 -5.21
C VAL A 74 -12.99 5.64 -4.68
N ARG A 75 -12.83 6.76 -3.97
CA ARG A 75 -11.55 7.08 -3.37
C ARG A 75 -11.10 6.02 -2.38
N GLN A 76 -12.05 5.19 -1.89
CA GLN A 76 -11.74 4.12 -0.95
C GLN A 76 -11.35 2.82 -1.63
N ILE A 77 -11.38 2.77 -2.96
CA ILE A 77 -10.94 1.60 -3.69
C ILE A 77 -9.48 1.81 -4.05
N ALA A 78 -8.61 1.86 -3.04
CA ALA A 78 -7.20 2.08 -3.27
C ALA A 78 -6.43 1.55 -2.06
N PRO A 79 -5.18 1.14 -2.25
CA PRO A 79 -4.40 0.66 -1.10
C PRO A 79 -4.29 1.75 -0.05
N GLY A 80 -4.33 1.33 1.21
CA GLY A 80 -4.21 2.24 2.33
C GLY A 80 -5.31 3.27 2.45
N GLN A 81 -6.55 2.81 2.48
CA GLN A 81 -7.71 3.69 2.60
C GLN A 81 -8.55 3.22 3.76
N THR A 82 -9.32 4.15 4.33
CA THR A 82 -10.24 3.85 5.41
C THR A 82 -11.60 4.48 5.12
N GLY A 83 -12.59 4.05 5.89
CA GLY A 83 -13.98 4.38 5.63
C GLY A 83 -14.86 3.15 5.72
N LYS A 84 -16.15 3.37 5.47
CA LYS A 84 -17.13 2.27 5.56
C LYS A 84 -16.91 1.23 4.47
N ILE A 85 -16.55 1.67 3.27
CA ILE A 85 -16.32 0.72 2.18
C ILE A 85 -15.03 -0.06 2.42
N ALA A 86 -13.94 0.62 2.81
CA ALA A 86 -12.64 -0.03 2.90
C ALA A 86 -12.51 -0.91 4.14
N ASP A 87 -13.05 -0.48 5.28
CA ASP A 87 -12.92 -1.26 6.50
C ASP A 87 -13.94 -2.40 6.57
N TYR A 88 -15.09 -2.25 5.90
CA TYR A 88 -16.22 -3.14 6.12
C TYR A 88 -16.69 -3.87 4.88
N ASN A 89 -16.30 -3.45 3.68
CA ASN A 89 -16.88 -4.07 2.48
C ASN A 89 -15.85 -4.60 1.47
N TYR A 90 -14.83 -3.80 1.15
CA TYR A 90 -13.84 -4.20 0.16
C TYR A 90 -12.51 -3.49 0.43
N LYS A 91 -11.48 -4.27 0.73
CA LYS A 91 -10.19 -3.73 1.17
C LYS A 91 -9.09 -4.22 0.25
N LEU A 92 -8.41 -3.31 -0.41
CA LEU A 92 -7.22 -3.67 -1.15
C LEU A 92 -6.03 -3.73 -0.19
N PRO A 93 -5.06 -4.60 -0.46
CA PRO A 93 -3.86 -4.64 0.37
C PRO A 93 -2.93 -3.45 0.13
N ASP A 94 -2.11 -3.15 1.13
CA ASP A 94 -1.12 -2.08 1.00
C ASP A 94 -0.17 -2.33 -0.17
N ASP A 95 0.13 -3.60 -0.47
CA ASP A 95 1.01 -3.99 -1.57
C ASP A 95 0.24 -4.41 -2.82
N PHE A 96 -0.91 -3.80 -3.08
CA PHE A 96 -1.76 -4.24 -4.18
C PHE A 96 -1.04 -4.09 -5.51
N THR A 97 -1.28 -5.05 -6.39
CA THR A 97 -0.76 -5.05 -7.76
C THR A 97 -1.96 -5.25 -8.68
N GLY A 98 -2.33 -4.21 -9.41
CA GLY A 98 -3.48 -4.25 -10.29
C GLY A 98 -4.07 -2.86 -10.48
N CYS A 99 -5.05 -2.78 -11.37
CA CYS A 99 -5.74 -1.53 -11.69
C CYS A 99 -7.16 -1.53 -11.13
N VAL A 100 -7.74 -0.32 -11.12
CA VAL A 100 -9.10 -0.08 -10.63
C VAL A 100 -9.82 0.80 -11.64
N ILE A 101 -10.94 0.32 -12.15
CA ILE A 101 -11.73 1.02 -13.14
C ILE A 101 -13.10 1.30 -12.53
N ALA A 102 -13.64 2.50 -12.81
CA ALA A 102 -14.97 2.84 -12.35
C ALA A 102 -15.65 3.71 -13.39
N TRP A 103 -16.98 3.73 -13.36
CA TRP A 103 -17.72 4.55 -14.31
C TRP A 103 -19.12 4.81 -13.80
N ASN A 104 -19.68 5.95 -14.21
CA ASN A 104 -21.02 6.34 -13.77
C ASN A 104 -22.08 5.46 -14.43
N SER A 105 -22.99 4.95 -13.61
CA SER A 105 -24.05 4.09 -14.12
C SER A 105 -25.41 4.56 -13.62
N ASN A 106 -25.56 5.85 -13.34
CA ASN A 106 -26.85 6.35 -12.90
C ASN A 106 -27.92 6.08 -13.93
N ASN A 107 -27.56 6.17 -15.21
CA ASN A 107 -28.49 5.91 -16.30
C ASN A 107 -29.02 4.48 -16.28
N LEU A 108 -28.39 3.58 -15.52
CA LEU A 108 -28.79 2.18 -15.49
C LEU A 108 -29.17 1.71 -14.09
N ASP A 109 -28.38 2.04 -13.08
CA ASP A 109 -28.60 1.53 -11.72
C ASP A 109 -29.43 2.47 -10.86
N SER A 110 -30.37 3.19 -11.45
CA SER A 110 -31.20 4.11 -10.71
C SER A 110 -32.64 4.00 -11.20
N LYS A 111 -33.57 4.09 -10.25
CA LYS A 111 -34.99 3.91 -10.54
C LYS A 111 -35.75 5.12 -10.02
N VAL A 112 -36.83 5.45 -10.73
CA VAL A 112 -37.76 6.47 -10.27
C VAL A 112 -38.27 6.05 -8.90
N GLY A 113 -37.89 6.78 -7.86
CA GLY A 113 -38.22 6.45 -6.50
C GLY A 113 -37.06 5.84 -5.74
N GLY A 114 -36.18 5.11 -6.43
CA GLY A 114 -35.00 4.56 -5.82
C GLY A 114 -34.76 3.12 -6.23
N ASN A 115 -33.47 2.73 -6.24
CA ASN A 115 -33.04 1.36 -6.48
C ASN A 115 -32.31 0.92 -5.23
N TYR A 116 -33.03 0.38 -4.25
CA TYR A 116 -32.45 0.01 -2.98
C TYR A 116 -31.88 -1.40 -2.95
N ASN A 117 -31.84 -2.09 -4.08
CA ASN A 117 -31.32 -3.45 -4.11
C ASN A 117 -29.82 -3.50 -3.81
N TYR A 118 -29.11 -2.40 -4.04
CA TYR A 118 -27.69 -2.33 -3.73
C TYR A 118 -27.49 -1.98 -2.26
N LEU A 119 -26.71 -2.80 -1.57
CA LEU A 119 -26.51 -2.68 -0.13
C LEU A 119 -25.05 -2.47 0.21
N TYR A 120 -24.81 -2.01 1.44
CA TYR A 120 -23.46 -1.86 1.97
C TYR A 120 -23.47 -2.24 3.44
N ARG A 121 -22.38 -2.84 3.89
CA ARG A 121 -22.25 -3.21 5.29
C ARG A 121 -21.91 -1.96 6.11
N LEU A 122 -22.74 -1.64 7.09
CA LEU A 122 -22.55 -0.46 7.93
C LEU A 122 -21.86 -0.75 9.24
N PHE A 123 -22.03 -1.93 9.82
CA PHE A 123 -21.39 -2.30 11.07
C PHE A 123 -20.52 -3.53 10.89
N ARG A 124 -19.44 -3.58 11.67
CA ARG A 124 -18.56 -4.76 11.70
C ARG A 124 -17.63 -4.59 12.88
N LYS A 125 -17.28 -5.70 13.52
CA LYS A 125 -16.46 -5.63 14.72
C LYS A 125 -15.00 -5.35 14.38
N SER A 126 -14.40 -6.16 13.51
CA SER A 126 -13.04 -5.90 13.07
C SER A 126 -13.10 -5.43 11.62
N ASN A 127 -11.97 -4.91 11.17
CA ASN A 127 -11.83 -4.49 9.79
C ASN A 127 -11.64 -5.71 8.90
N LEU A 128 -11.96 -5.54 7.62
CA LEU A 128 -11.86 -6.62 6.67
C LEU A 128 -10.41 -6.78 6.19
N LYS A 129 -9.94 -8.02 6.13
CA LYS A 129 -8.62 -8.31 5.60
C LYS A 129 -8.65 -8.14 4.07
N PRO A 130 -7.49 -7.89 3.46
CA PRO A 130 -7.49 -7.64 2.01
C PRO A 130 -8.10 -8.83 1.27
N PHE A 131 -9.12 -8.52 0.47
CA PHE A 131 -9.83 -9.49 -0.34
C PHE A 131 -10.64 -10.49 0.48
N GLU A 132 -11.01 -10.12 1.70
CA GLU A 132 -11.91 -10.90 2.53
C GLU A 132 -13.33 -10.37 2.37
N ARG A 133 -14.30 -11.27 2.17
CA ARG A 133 -15.70 -10.92 1.96
C ARG A 133 -16.54 -11.35 3.15
N ASP A 134 -17.34 -10.42 3.66
CA ASP A 134 -18.23 -10.67 4.79
C ASP A 134 -19.65 -10.55 4.28
N ILE A 135 -20.41 -11.66 4.37
CA ILE A 135 -21.81 -11.70 3.95
C ILE A 135 -22.67 -12.19 5.11
N SER A 136 -22.23 -11.94 6.35
CA SER A 136 -22.93 -12.35 7.55
C SER A 136 -24.05 -11.37 7.80
N THR A 137 -25.29 -11.83 7.70
CA THR A 137 -26.45 -11.01 7.99
C THR A 137 -26.83 -11.17 9.44
N GLU A 138 -25.87 -11.06 10.34
CA GLU A 138 -26.12 -11.26 11.76
C GLU A 138 -26.28 -9.91 12.45
N ILE A 139 -27.15 -9.87 13.45
CA ILE A 139 -27.37 -8.64 14.20
C ILE A 139 -26.06 -8.23 14.85
N TYR A 140 -25.72 -6.96 14.69
CA TYR A 140 -24.50 -6.39 15.25
C TYR A 140 -24.76 -5.91 16.67
N GLN A 141 -24.00 -6.42 17.63
CA GLN A 141 -24.14 -6.03 19.01
C GLN A 141 -23.23 -4.85 19.31
N ALA A 142 -23.82 -3.73 19.72
CA ALA A 142 -23.09 -2.53 20.06
C ALA A 142 -23.02 -2.43 21.59
N GLY A 143 -21.87 -2.73 22.14
CA GLY A 143 -21.74 -2.76 23.59
C GLY A 143 -22.28 -4.06 24.17
N SER A 144 -22.92 -3.97 25.34
CA SER A 144 -23.38 -5.16 26.05
C SER A 144 -24.89 -5.23 26.19
N THR A 145 -25.61 -5.20 25.07
CA THR A 145 -27.06 -5.32 25.06
C THR A 145 -27.42 -6.60 24.30
N PRO A 146 -28.11 -7.55 24.90
CA PRO A 146 -28.48 -8.79 24.16
C PRO A 146 -29.49 -8.52 23.07
N CYS A 147 -29.25 -9.12 21.91
CA CYS A 147 -30.09 -8.93 20.73
C CYS A 147 -31.16 -9.98 20.56
N ASN A 148 -30.92 -11.22 21.00
CA ASN A 148 -31.86 -12.33 20.83
C ASN A 148 -32.23 -12.49 19.35
N GLY A 149 -31.25 -12.24 18.48
CA GLY A 149 -31.47 -12.34 17.05
C GLY A 149 -32.48 -11.34 16.54
N VAL A 150 -32.86 -10.34 17.34
CA VAL A 150 -33.87 -9.37 16.97
C VAL A 150 -33.32 -7.97 17.19
N GLU A 151 -33.69 -7.04 16.30
CA GLU A 151 -33.25 -5.67 16.46
C GLU A 151 -33.72 -5.10 17.79
N GLY A 152 -33.03 -4.06 18.23
CA GLY A 152 -33.38 -3.41 19.47
C GLY A 152 -32.39 -2.31 19.76
N PHE A 153 -32.28 -1.94 21.04
CA PHE A 153 -31.23 -1.01 21.44
C PHE A 153 -29.89 -1.65 21.15
N ASN A 154 -29.00 -0.91 20.51
CA ASN A 154 -27.64 -1.37 20.30
C ASN A 154 -27.61 -2.72 19.59
N CYS A 155 -28.66 -3.01 18.84
CA CYS A 155 -28.75 -4.25 18.05
C CYS A 155 -29.34 -3.87 16.69
N TYR A 156 -28.48 -3.81 15.67
CA TYR A 156 -28.85 -3.31 14.37
C TYR A 156 -28.44 -4.27 13.28
N PHE A 157 -29.24 -4.30 12.23
CA PHE A 157 -28.98 -5.16 11.09
C PHE A 157 -27.70 -4.70 10.42
N PRO A 158 -26.75 -5.61 10.15
CA PRO A 158 -25.44 -5.14 9.66
C PRO A 158 -25.50 -4.50 8.29
N LEU A 159 -26.55 -4.75 7.52
CA LEU A 159 -26.62 -4.22 6.16
C LEU A 159 -27.54 -3.00 6.10
N GLN A 160 -27.33 -2.19 5.07
CA GLN A 160 -28.04 -0.94 4.82
C GLN A 160 -28.09 -0.76 3.32
N SER A 161 -29.01 0.03 2.85
CA SER A 161 -29.23 0.10 1.42
C SER A 161 -28.87 1.47 0.86
N TYR A 162 -28.25 1.46 -0.32
CA TYR A 162 -28.01 2.70 -1.05
C TYR A 162 -29.33 3.10 -1.72
N GLY A 163 -29.62 4.40 -1.73
CA GLY A 163 -30.84 4.90 -2.33
C GLY A 163 -30.56 5.61 -3.63
N PHE A 164 -30.32 4.88 -4.70
CA PHE A 164 -29.89 5.50 -5.95
C PHE A 164 -31.07 6.03 -6.77
N GLN A 165 -31.09 7.34 -7.00
CA GLN A 165 -32.14 8.02 -7.73
C GLN A 165 -31.50 8.97 -8.74
N PRO A 166 -32.09 9.10 -9.95
CA PRO A 166 -31.52 10.01 -10.95
C PRO A 166 -31.33 11.43 -10.43
N THR A 167 -32.09 11.81 -9.41
CA THR A 167 -32.03 13.18 -8.94
C THR A 167 -30.88 13.42 -7.97
N ASN A 168 -30.09 12.40 -7.66
CA ASN A 168 -29.10 12.58 -6.61
C ASN A 168 -27.83 13.20 -7.19
N GLY A 169 -27.04 13.79 -6.32
CA GLY A 169 -25.77 14.36 -6.75
C GLY A 169 -24.75 13.31 -7.11
N VAL A 170 -23.79 13.73 -7.95
CA VAL A 170 -22.83 12.79 -8.51
C VAL A 170 -22.09 12.07 -7.41
N GLY A 171 -21.93 12.71 -6.26
CA GLY A 171 -21.28 12.04 -5.15
C GLY A 171 -22.11 10.93 -4.55
N TYR A 172 -23.42 10.98 -4.72
CA TYR A 172 -24.32 9.96 -4.20
C TYR A 172 -24.92 9.12 -5.31
N GLN A 173 -24.51 9.34 -6.56
CA GLN A 173 -24.93 8.53 -7.68
C GLN A 173 -24.20 7.19 -7.71
N PRO A 174 -24.72 6.22 -8.45
CA PRO A 174 -24.08 4.89 -8.47
C PRO A 174 -22.94 4.85 -9.47
N TYR A 175 -21.87 4.16 -9.07
CA TYR A 175 -20.70 3.96 -9.89
C TYR A 175 -20.35 2.48 -9.87
N ARG A 176 -19.99 1.95 -11.04
CA ARG A 176 -19.64 0.55 -11.21
C ARG A 176 -18.12 0.39 -11.21
N VAL A 177 -17.62 -0.38 -10.25
CA VAL A 177 -16.19 -0.53 -10.02
C VAL A 177 -15.77 -1.94 -10.44
N VAL A 178 -14.59 -2.02 -11.05
CA VAL A 178 -13.95 -3.29 -11.42
C VAL A 178 -12.52 -3.20 -10.92
N VAL A 179 -12.06 -4.22 -10.20
CA VAL A 179 -10.73 -4.24 -9.60
C VAL A 179 -9.99 -5.40 -10.22
N LEU A 180 -9.33 -5.16 -11.36
CA LEU A 180 -8.42 -6.14 -11.94
C LEU A 180 -7.20 -6.27 -11.04
N SER A 181 -7.03 -7.44 -10.41
CA SER A 181 -5.88 -7.71 -9.55
C SER A 181 -5.03 -8.78 -10.23
N PHE A 182 -3.77 -8.44 -10.50
CA PHE A 182 -2.82 -9.32 -11.17
C PHE A 182 -2.03 -10.16 -10.17
N GLU A 183 -1.73 -11.39 -10.59
CA GLU A 183 -1.03 -12.35 -9.75
C GLU A 183 0.12 -12.97 -10.53
N LEU A 184 1.32 -12.93 -9.95
CA LEU A 184 2.51 -13.56 -10.50
C LEU A 184 2.88 -14.70 -9.55
N LEU A 185 2.68 -15.93 -10.00
CA LEU A 185 2.96 -17.10 -9.19
C LEU A 185 4.00 -17.98 -9.88
N HIS A 186 4.52 -18.93 -9.09
CA HIS A 186 5.48 -19.92 -9.56
C HIS A 186 4.71 -21.01 -10.31
N ALA A 187 4.35 -20.70 -11.54
CA ALA A 187 3.64 -21.62 -12.40
C ALA A 187 3.52 -21.02 -13.78
N PRO A 188 3.36 -21.81 -14.83
CA PRO A 188 3.19 -21.23 -16.17
C PRO A 188 2.07 -20.18 -16.13
N ALA A 189 2.36 -19.02 -16.71
CA ALA A 189 1.41 -17.92 -16.69
C ALA A 189 0.18 -18.34 -17.50
N THR A 190 -0.99 -18.35 -16.86
CA THR A 190 -2.21 -18.58 -17.61
C THR A 190 -2.66 -17.34 -18.37
N VAL A 191 -2.27 -16.15 -17.91
CA VAL A 191 -2.69 -14.88 -18.50
C VAL A 191 -1.44 -14.16 -18.98
N CYS A 192 -1.36 -13.92 -20.27
CA CYS A 192 -0.29 -13.17 -20.88
C CYS A 192 -0.92 -12.17 -21.85
N GLY A 193 -0.36 -10.97 -21.93
CA GLY A 193 -0.87 -9.97 -22.82
C GLY A 193 -0.43 -10.19 -24.25
N PRO A 194 -0.90 -9.29 -25.14
CA PRO A 194 -0.49 -9.34 -26.55
C PRO A 194 1.00 -9.00 -26.72
N ASN B 1 10.28 26.35 -19.56
CA ASN B 1 9.28 25.70 -18.72
C ASN B 1 9.28 24.19 -18.96
N LEU B 2 10.47 23.64 -19.08
CA LEU B 2 10.71 22.22 -19.25
C LEU B 2 11.14 21.63 -17.93
N CYS B 3 10.95 20.33 -17.77
CA CYS B 3 11.26 19.71 -16.49
C CYS B 3 12.63 19.06 -16.54
N PRO B 4 13.60 19.46 -15.71
CA PRO B 4 14.98 18.91 -15.83
C PRO B 4 15.23 17.68 -14.96
N PHE B 5 14.72 16.55 -15.43
CA PHE B 5 14.93 15.28 -14.73
C PHE B 5 16.39 14.85 -14.77
N GLY B 6 17.16 15.33 -15.76
CA GLY B 6 18.52 14.85 -15.92
C GLY B 6 19.37 15.05 -14.69
N GLU B 7 19.02 16.05 -13.87
CA GLU B 7 19.83 16.32 -12.68
C GLU B 7 19.85 15.13 -11.73
N VAL B 8 18.70 14.50 -11.53
CA VAL B 8 18.62 13.37 -10.62
C VAL B 8 18.94 12.06 -11.32
N PHE B 9 18.51 11.88 -12.57
CA PHE B 9 18.72 10.58 -13.20
C PHE B 9 20.14 10.40 -13.68
N ASN B 10 20.63 11.33 -14.47
CA ASN B 10 22.01 11.23 -14.97
C ASN B 10 23.00 11.92 -14.03
N ALA B 11 22.85 11.74 -12.72
CA ALA B 11 23.74 12.36 -11.75
C ALA B 11 25.04 11.57 -11.61
N THR B 12 26.12 12.30 -11.29
CA THR B 12 27.42 11.66 -11.13
C THR B 12 27.42 10.70 -9.94
N ARG B 13 27.03 11.18 -8.77
CA ARG B 13 26.98 10.39 -7.55
C ARG B 13 25.57 10.36 -7.00
N PHE B 14 25.18 9.21 -6.47
CA PHE B 14 23.90 9.06 -5.79
C PHE B 14 24.13 9.01 -4.29
N ALA B 15 23.07 9.28 -3.53
CA ALA B 15 23.18 9.30 -2.08
C ALA B 15 23.03 7.89 -1.51
N SER B 16 23.32 7.77 -0.22
CA SER B 16 23.09 6.51 0.49
C SER B 16 21.63 6.38 0.86
N VAL B 17 21.17 5.15 1.01
CA VAL B 17 19.76 4.92 1.27
C VAL B 17 19.38 5.46 2.65
N TYR B 18 20.23 5.30 3.66
CA TYR B 18 19.90 5.81 4.99
C TYR B 18 19.83 7.33 5.00
N ALA B 19 20.54 7.97 4.09
CA ALA B 19 20.54 9.43 3.93
C ALA B 19 20.18 9.72 2.48
N TRP B 20 18.94 9.38 2.10
CA TRP B 20 18.49 9.50 0.73
C TRP B 20 18.29 10.96 0.37
N ASN B 21 18.44 11.25 -0.91
CA ASN B 21 18.43 12.61 -1.42
C ASN B 21 17.04 12.94 -1.95
N ARG B 22 16.52 14.10 -1.56
CA ARG B 22 15.26 14.62 -2.09
C ARG B 22 15.54 15.90 -2.86
N LYS B 23 14.86 16.05 -3.99
CA LYS B 23 14.96 17.21 -4.87
C LYS B 23 13.55 17.57 -5.30
N ARG B 24 13.13 18.80 -5.02
CA ARG B 24 11.84 19.25 -5.52
C ARG B 24 11.92 19.66 -6.99
N ILE B 25 10.83 19.41 -7.71
CA ILE B 25 10.75 19.71 -9.14
C ILE B 25 9.44 20.46 -9.39
N SER B 26 9.51 21.79 -9.38
CA SER B 26 8.32 22.61 -9.56
C SER B 26 8.48 23.54 -10.76
N ASN B 27 7.35 24.11 -11.18
CA ASN B 27 7.32 25.10 -12.26
C ASN B 27 7.87 24.54 -13.56
N CYS B 28 7.56 23.27 -13.84
CA CYS B 28 8.05 22.59 -15.03
C CYS B 28 6.91 21.86 -15.71
N VAL B 29 7.09 21.63 -17.01
CA VAL B 29 6.17 20.81 -17.79
C VAL B 29 6.84 19.45 -17.86
N ALA B 30 6.42 18.54 -16.99
CA ALA B 30 7.06 17.24 -16.91
C ALA B 30 6.50 16.35 -18.01
N ASP B 31 7.25 16.25 -19.12
CA ASP B 31 6.92 15.32 -20.20
C ASP B 31 7.51 13.97 -19.82
N TYR B 32 6.68 13.10 -19.28
CA TYR B 32 7.17 11.79 -18.87
C TYR B 32 7.38 10.86 -20.05
N SER B 33 6.90 11.23 -21.24
CA SER B 33 7.13 10.37 -22.40
C SER B 33 8.61 10.23 -22.68
N VAL B 34 9.37 11.31 -22.50
CA VAL B 34 10.81 11.24 -22.66
C VAL B 34 11.51 10.52 -21.51
N LEU B 35 10.78 10.12 -20.46
CA LEU B 35 11.40 9.44 -19.33
C LEU B 35 11.45 7.94 -19.51
N TYR B 36 10.46 7.33 -20.15
CA TYR B 36 10.48 5.89 -20.39
C TYR B 36 11.41 5.50 -21.52
N ASN B 37 12.02 6.48 -22.18
CA ASN B 37 12.92 6.20 -23.29
C ASN B 37 14.03 5.23 -22.91
N SER B 38 14.74 5.52 -21.81
CA SER B 38 15.89 4.71 -21.43
C SER B 38 15.48 3.24 -21.32
N ALA B 39 16.33 2.36 -21.88
CA ALA B 39 16.06 0.94 -21.78
C ALA B 39 16.60 0.32 -20.51
N SER B 40 17.54 0.98 -19.83
CA SER B 40 18.07 0.44 -18.57
C SER B 40 17.17 0.74 -17.38
N PHE B 41 15.87 0.60 -17.51
CA PHE B 41 14.96 0.77 -16.37
C PHE B 41 14.51 -0.63 -15.96
N SER B 42 15.30 -1.29 -15.12
CA SER B 42 14.93 -2.62 -14.68
C SER B 42 13.53 -2.60 -14.06
N THR B 43 13.27 -1.65 -13.18
CA THR B 43 11.98 -1.48 -12.55
C THR B 43 11.45 -0.07 -12.83
N PHE B 44 10.38 0.03 -13.61
CA PHE B 44 9.67 1.29 -13.86
C PHE B 44 8.22 0.97 -13.49
N LYS B 45 7.79 1.37 -12.30
CA LYS B 45 6.49 1.00 -11.76
C LYS B 45 5.80 2.21 -11.18
N CYS B 46 4.54 2.41 -11.56
CA CYS B 46 3.76 3.55 -11.09
C CYS B 46 2.60 3.10 -10.20
N TYR B 47 2.25 3.97 -9.25
CA TYR B 47 1.25 3.65 -8.24
C TYR B 47 0.27 4.81 -8.14
N GLY B 48 -0.99 4.55 -8.46
CA GLY B 48 -2.06 5.50 -8.21
C GLY B 48 -2.38 6.45 -9.34
N VAL B 49 -1.91 6.18 -10.55
CA VAL B 49 -2.11 7.09 -11.67
C VAL B 49 -2.58 6.31 -12.88
N SER B 50 -3.33 6.98 -13.74
CA SER B 50 -3.79 6.35 -14.96
C SER B 50 -2.55 5.97 -15.77
N PRO B 51 -2.60 4.87 -16.51
CA PRO B 51 -1.40 4.45 -17.25
C PRO B 51 -0.99 5.42 -18.35
N THR B 52 -1.94 6.07 -19.02
CA THR B 52 -1.64 6.97 -20.12
C THR B 52 -1.73 8.45 -19.75
N LYS B 53 -2.64 8.82 -18.83
CA LYS B 53 -2.83 10.21 -18.43
C LYS B 53 -1.74 10.71 -17.48
N LEU B 54 -0.63 9.97 -17.37
CA LEU B 54 0.45 10.40 -16.50
C LEU B 54 1.03 11.74 -16.94
N ASN B 55 1.24 11.93 -18.25
CA ASN B 55 1.74 13.21 -18.76
C ASN B 55 0.61 14.22 -18.99
N ASP B 56 -0.65 13.83 -18.85
CA ASP B 56 -1.76 14.78 -19.00
C ASP B 56 -2.43 14.99 -17.65
N LEU B 57 -1.64 15.37 -16.65
CA LEU B 57 -2.14 15.61 -15.30
C LEU B 57 -1.32 16.73 -14.66
N CYS B 58 -1.97 17.46 -13.74
CA CYS B 58 -1.36 18.55 -13.00
C CYS B 58 -1.22 18.17 -11.54
N PHE B 59 -0.07 18.47 -10.96
CA PHE B 59 0.20 18.18 -9.55
C PHE B 59 0.71 19.44 -8.87
N THR B 60 0.31 19.61 -7.61
CA THR B 60 0.76 20.78 -6.86
C THR B 60 2.28 20.82 -6.76
N ASN B 61 2.87 19.69 -6.37
CA ASN B 61 4.31 19.56 -6.23
C ASN B 61 4.75 18.16 -6.67
N VAL B 62 5.99 18.03 -7.12
CA VAL B 62 6.56 16.75 -7.51
C VAL B 62 7.95 16.65 -6.91
N TYR B 63 8.14 15.70 -6.01
CA TYR B 63 9.42 15.44 -5.39
C TYR B 63 10.09 14.24 -6.05
N ALA B 64 11.44 14.25 -6.02
CA ALA B 64 12.27 13.16 -6.51
C ALA B 64 13.12 12.69 -5.34
N ASP B 65 13.18 11.38 -5.15
CA ASP B 65 13.88 10.78 -4.02
C ASP B 65 14.78 9.69 -4.58
N SER B 66 16.10 9.85 -4.45
CA SER B 66 17.07 8.95 -5.07
C SER B 66 18.05 8.42 -4.03
N PHE B 67 18.56 7.22 -4.32
CA PHE B 67 19.48 6.51 -3.44
C PHE B 67 19.91 5.21 -4.11
N VAL B 68 20.71 4.41 -3.41
CA VAL B 68 21.30 3.20 -3.95
C VAL B 68 21.10 2.07 -2.97
N ILE B 69 20.71 0.91 -3.48
CA ILE B 69 20.52 -0.30 -2.68
C ILE B 69 20.91 -1.51 -3.53
N ARG B 70 20.88 -2.68 -2.90
CA ARG B 70 21.17 -3.92 -3.61
C ARG B 70 20.02 -4.29 -4.55
N GLY B 71 20.34 -5.11 -5.55
CA GLY B 71 19.34 -5.46 -6.55
C GLY B 71 18.14 -6.19 -6.00
N ASP B 72 18.34 -7.07 -5.02
CA ASP B 72 17.25 -7.81 -4.42
C ASP B 72 16.43 -6.97 -3.42
N GLU B 73 16.86 -5.76 -3.11
CA GLU B 73 16.14 -4.90 -2.18
C GLU B 73 15.26 -3.88 -2.88
N VAL B 74 15.23 -3.87 -4.21
CA VAL B 74 14.34 -2.98 -4.92
C VAL B 74 12.89 -3.36 -4.68
N ARG B 75 12.63 -4.64 -4.40
CA ARG B 75 11.28 -5.07 -4.08
C ARG B 75 10.74 -4.38 -2.84
N GLN B 76 11.62 -3.84 -1.99
CA GLN B 76 11.21 -3.15 -0.77
C GLN B 76 10.89 -1.67 -0.99
N ILE B 77 11.09 -1.18 -2.20
CA ILE B 77 10.73 0.19 -2.56
C ILE B 77 9.34 0.18 -3.20
N ALA B 78 8.33 -0.16 -2.40
CA ALA B 78 6.96 -0.22 -2.88
C ALA B 78 6.03 -0.08 -1.68
N PRO B 79 4.81 0.40 -1.88
CA PRO B 79 3.90 0.52 -0.74
C PRO B 79 3.68 -0.83 -0.10
N GLY B 80 3.60 -0.82 1.23
CA GLY B 80 3.39 -2.03 1.99
C GLY B 80 4.48 -3.06 1.88
N GLN B 81 5.72 -2.68 2.20
CA GLN B 81 6.84 -3.60 2.15
C GLN B 81 7.58 -3.61 3.48
N THR B 82 8.22 -4.73 3.78
CA THR B 82 9.00 -4.85 4.99
C THR B 82 10.38 -5.41 4.69
N GLY B 83 11.26 -5.29 5.67
CA GLY B 83 12.67 -5.57 5.53
C GLY B 83 13.48 -4.44 6.13
N LYS B 84 14.81 -4.60 6.01
CA LYS B 84 15.72 -3.62 6.58
C LYS B 84 15.65 -2.30 5.82
N ILE B 85 15.47 -2.36 4.50
CA ILE B 85 15.40 -1.12 3.73
C ILE B 85 14.09 -0.38 4.02
N ALA B 86 12.97 -1.11 4.06
CA ALA B 86 11.67 -0.46 4.18
C ALA B 86 11.42 0.01 5.60
N ASP B 87 11.80 -0.79 6.59
CA ASP B 87 11.56 -0.41 7.98
C ASP B 87 12.58 0.60 8.50
N TYR B 88 13.79 0.62 7.94
CA TYR B 88 14.88 1.37 8.54
C TYR B 88 15.49 2.44 7.64
N ASN B 89 15.22 2.44 6.36
CA ASN B 89 15.94 3.36 5.47
C ASN B 89 15.04 4.20 4.57
N TYR B 90 14.02 3.59 3.94
CA TYR B 90 13.12 4.33 3.06
C TYR B 90 11.76 3.66 3.06
N LYS B 91 10.73 4.40 3.45
CA LYS B 91 9.39 3.87 3.63
C LYS B 91 8.43 4.63 2.72
N LEU B 92 7.83 3.92 1.79
CA LEU B 92 6.73 4.48 1.02
C LEU B 92 5.43 4.30 1.81
N PRO B 93 4.49 5.23 1.66
CA PRO B 93 3.19 5.09 2.34
C PRO B 93 2.28 4.07 1.66
N ASP B 94 1.35 3.53 2.45
CA ASP B 94 0.36 2.61 1.87
C ASP B 94 -0.46 3.29 0.78
N ASP B 95 -0.70 4.59 0.90
CA ASP B 95 -1.47 5.38 -0.06
C ASP B 95 -0.58 6.15 -1.03
N PHE B 96 0.58 5.59 -1.38
CA PHE B 96 1.56 6.30 -2.19
C PHE B 96 1.03 6.63 -3.58
N THR B 97 1.38 7.82 -4.06
CA THR B 97 1.06 8.25 -5.41
C THR B 97 2.38 8.71 -6.04
N GLY B 98 2.86 7.93 -7.01
CA GLY B 98 4.11 8.22 -7.68
C GLY B 98 4.68 6.95 -8.29
N CYS B 99 5.75 7.15 -9.06
CA CYS B 99 6.44 6.05 -9.74
C CYS B 99 7.76 5.74 -9.05
N VAL B 100 8.30 4.56 -9.35
CA VAL B 100 9.55 4.08 -8.78
C VAL B 100 10.39 3.50 -9.91
N ILE B 101 11.57 4.08 -10.12
CA ILE B 101 12.45 3.69 -11.22
C ILE B 101 13.74 3.16 -10.62
N ALA B 102 14.26 2.11 -11.21
CA ALA B 102 15.53 1.57 -10.77
C ALA B 102 16.29 1.09 -12.00
N TRP B 103 17.61 1.04 -11.86
CA TRP B 103 18.47 0.58 -12.92
C TRP B 103 19.81 0.15 -12.34
N ASN B 104 20.41 -0.84 -12.99
CA ASN B 104 21.68 -1.37 -12.55
C ASN B 104 22.80 -0.39 -12.82
N SER B 105 23.65 -0.18 -11.81
CA SER B 105 24.74 0.77 -11.85
C SER B 105 26.06 0.13 -11.43
N ASN B 106 26.20 -1.19 -11.66
CA ASN B 106 27.46 -1.85 -11.34
C ASN B 106 28.61 -1.23 -12.11
N ASN B 107 28.37 -0.83 -13.36
CA ASN B 107 29.41 -0.22 -14.18
C ASN B 107 29.93 1.07 -13.57
N LEU B 108 29.22 1.65 -12.62
CA LEU B 108 29.62 2.92 -12.01
C LEU B 108 29.82 2.80 -10.50
N ASP B 109 28.91 2.17 -9.78
CA ASP B 109 28.96 2.15 -8.33
C ASP B 109 29.69 0.94 -7.77
N SER B 110 30.68 0.41 -8.49
CA SER B 110 31.43 -0.74 -8.02
C SER B 110 32.90 -0.56 -8.36
N LYS B 111 33.76 -0.92 -7.40
CA LYS B 111 35.19 -0.72 -7.54
C LYS B 111 35.91 -2.03 -7.31
N VAL B 112 37.00 -2.24 -8.03
CA VAL B 112 37.83 -3.42 -7.84
C VAL B 112 38.29 -3.44 -6.40
N GLY B 113 37.84 -4.42 -5.63
CA GLY B 113 38.09 -4.50 -4.23
C GLY B 113 36.90 -4.12 -3.38
N GLY B 114 36.07 -3.20 -3.86
CA GLY B 114 34.84 -2.85 -3.19
C GLY B 114 34.59 -1.36 -3.12
N ASN B 115 33.31 -0.98 -3.12
CA ASN B 115 32.88 0.40 -2.92
C ASN B 115 31.99 0.41 -1.69
N TYR B 116 32.61 0.62 -0.53
CA TYR B 116 31.91 0.57 0.74
C TYR B 116 31.28 1.90 1.12
N ASN B 117 31.33 2.92 0.25
CA ASN B 117 30.83 4.24 0.61
C ASN B 117 29.32 4.26 0.79
N TYR B 118 28.65 3.33 0.13
CA TYR B 118 27.20 3.25 0.23
C TYR B 118 26.81 2.49 1.49
N LEU B 119 25.99 3.11 2.32
CA LEU B 119 25.63 2.57 3.61
C LEU B 119 24.11 2.38 3.71
N TYR B 120 23.71 1.56 4.69
CA TYR B 120 22.31 1.32 5.01
C TYR B 120 22.19 1.17 6.52
N ARG B 121 21.04 1.58 7.05
CA ARG B 121 20.79 1.47 8.49
C ARG B 121 20.43 0.03 8.81
N LEU B 122 21.17 -0.57 9.75
CA LEU B 122 20.96 -1.95 10.12
C LEU B 122 20.10 -2.12 11.36
N PHE B 123 20.18 -1.21 12.32
CA PHE B 123 19.39 -1.27 13.54
C PHE B 123 18.56 0.00 13.71
N ARG B 124 17.41 -0.16 14.37
CA ARG B 124 16.53 0.95 14.71
C ARG B 124 15.49 0.44 15.69
N LYS B 125 15.10 1.30 16.62
CA LYS B 125 14.15 0.85 17.62
C LYS B 125 12.73 0.74 17.03
N SER B 126 12.24 1.80 16.40
CA SER B 126 10.95 1.81 15.73
C SER B 126 11.16 1.80 14.22
N ASN B 127 10.10 1.55 13.51
CA ASN B 127 10.08 1.60 12.06
C ASN B 127 9.99 3.06 11.62
N LEU B 128 10.43 3.29 10.39
CA LEU B 128 10.41 4.64 9.83
C LEU B 128 9.04 4.97 9.28
N LYS B 129 8.57 6.18 9.58
CA LYS B 129 7.32 6.65 9.00
C LYS B 129 7.53 6.99 7.52
N PRO B 130 6.47 6.99 6.72
CA PRO B 130 6.64 7.23 5.28
C PRO B 130 7.29 8.58 5.01
N PHE B 131 8.38 8.55 4.25
CA PHE B 131 9.18 9.70 3.86
C PHE B 131 9.93 10.32 5.03
N GLU B 132 10.17 9.57 6.09
CA GLU B 132 11.00 10.00 7.21
C GLU B 132 12.41 9.51 6.99
N ARG B 133 13.38 10.39 7.20
CA ARG B 133 14.81 10.11 7.02
C ARG B 133 15.48 10.07 8.37
N ASP B 134 16.21 8.99 8.64
CA ASP B 134 16.92 8.81 9.90
C ASP B 134 18.39 8.80 9.57
N ILE B 135 19.14 9.74 10.15
CA ILE B 135 20.58 9.80 9.92
C ILE B 135 21.33 9.84 11.26
N SER B 136 20.73 9.25 12.29
CA SER B 136 21.30 9.26 13.64
C SER B 136 22.39 8.21 13.72
N THR B 137 23.63 8.66 13.95
CA THR B 137 24.77 7.74 14.10
C THR B 137 25.00 7.40 15.58
N GLU B 138 23.96 7.00 16.27
CA GLU B 138 24.03 6.69 17.69
C GLU B 138 24.17 5.20 17.88
N ILE B 139 24.94 4.81 18.91
CA ILE B 139 25.06 3.39 19.23
C ILE B 139 23.70 2.84 19.59
N TYR B 140 23.33 1.71 18.99
CA TYR B 140 22.04 1.06 19.22
C TYR B 140 22.16 0.09 20.39
N GLN B 141 21.32 0.28 21.40
CA GLN B 141 21.27 -0.60 22.55
C GLN B 141 20.26 -1.71 22.26
N ALA B 142 20.74 -2.96 22.27
CA ALA B 142 19.90 -4.12 21.99
C ALA B 142 19.55 -4.90 23.24
N GLY B 143 19.46 -4.22 24.39
CA GLY B 143 19.19 -4.91 25.63
C GLY B 143 19.42 -4.06 26.87
N SER B 144 19.96 -4.69 27.91
CA SER B 144 20.14 -4.01 29.19
C SER B 144 21.62 -3.82 29.40
N THR B 145 22.28 -3.26 28.39
CA THR B 145 23.71 -2.99 28.44
C THR B 145 23.93 -1.50 28.24
N PRO B 146 24.53 -0.77 29.17
CA PRO B 146 24.81 0.65 28.92
C PRO B 146 25.90 0.75 27.85
N CYS B 147 25.69 1.63 26.87
CA CYS B 147 26.69 1.77 25.82
C CYS B 147 27.70 2.86 26.13
N ASN B 148 27.29 3.92 26.83
CA ASN B 148 28.22 4.97 27.18
C ASN B 148 28.91 5.50 25.93
N GLY B 149 28.15 5.57 24.84
CA GLY B 149 28.66 6.04 23.57
C GLY B 149 29.74 5.18 22.98
N VAL B 150 29.93 3.98 23.51
CA VAL B 150 30.98 3.09 23.04
C VAL B 150 30.36 1.74 22.72
N GLU B 151 30.83 1.12 21.64
CA GLU B 151 30.38 -0.20 21.26
C GLU B 151 30.70 -1.23 22.36
N GLY B 152 30.01 -2.35 22.31
CA GLY B 152 30.24 -3.41 23.27
C GLY B 152 29.28 -4.53 23.01
N PHE B 153 29.03 -5.32 24.06
CA PHE B 153 27.95 -6.29 24.00
C PHE B 153 26.62 -5.53 23.87
N ASN B 154 25.78 -5.97 22.94
CA ASN B 154 24.47 -5.37 22.74
C ASN B 154 24.57 -3.86 22.54
N CYS B 155 25.70 -3.40 22.02
CA CYS B 155 25.90 -1.99 21.68
C CYS B 155 26.64 -1.95 20.35
N TYR B 156 25.92 -1.62 19.27
CA TYR B 156 26.46 -1.74 17.94
C TYR B 156 26.26 -0.47 17.14
N PHE B 157 27.19 -0.21 16.23
CA PHE B 157 27.07 0.95 15.36
C PHE B 157 25.90 0.74 14.42
N PRO B 158 24.96 1.70 14.33
CA PRO B 158 23.73 1.47 13.57
C PRO B 158 23.92 1.35 12.05
N LEU B 159 25.06 1.79 11.49
CA LEU B 159 25.28 1.79 10.06
C LEU B 159 26.16 0.62 9.61
N GLN B 160 26.04 0.26 8.33
CA GLN B 160 26.78 -0.83 7.70
C GLN B 160 27.02 -0.48 6.25
N SER B 161 27.98 -1.14 5.65
CA SER B 161 28.42 -0.83 4.29
C SER B 161 28.01 -1.94 3.35
N TYR B 162 27.62 -1.54 2.14
CA TYR B 162 27.18 -2.51 1.14
C TYR B 162 28.35 -3.29 0.55
N GLY B 163 29.47 -2.61 0.33
CA GLY B 163 30.58 -3.24 -0.35
C GLY B 163 30.21 -3.82 -1.69
N PHE B 164 29.97 -2.93 -2.67
CA PHE B 164 29.53 -3.35 -3.99
C PHE B 164 30.75 -3.68 -4.81
N GLN B 165 30.79 -4.88 -5.35
CA GLN B 165 31.94 -5.33 -6.12
C GLN B 165 31.52 -5.71 -7.54
N PRO B 166 32.33 -5.37 -8.56
CA PRO B 166 31.90 -5.67 -9.93
C PRO B 166 31.57 -7.15 -10.15
N THR B 167 32.24 -8.03 -9.42
CA THR B 167 32.14 -9.48 -9.58
C THR B 167 31.02 -10.12 -8.76
N ASN B 168 30.03 -9.36 -8.34
CA ASN B 168 28.94 -9.87 -7.53
C ASN B 168 27.76 -10.32 -8.37
N GLY B 169 26.90 -11.13 -7.75
CA GLY B 169 25.67 -11.53 -8.39
C GLY B 169 24.69 -10.39 -8.50
N VAL B 170 23.78 -10.50 -9.49
CA VAL B 170 22.89 -9.40 -9.80
C VAL B 170 22.05 -9.00 -8.59
N GLY B 171 21.74 -9.95 -7.72
CA GLY B 171 21.01 -9.61 -6.52
C GLY B 171 21.79 -8.80 -5.53
N TYR B 172 23.12 -8.86 -5.57
CA TYR B 172 23.96 -8.11 -4.66
C TYR B 172 24.71 -7.00 -5.36
N GLN B 173 24.42 -6.77 -6.64
CA GLN B 173 24.99 -5.65 -7.37
C GLN B 173 24.30 -4.35 -6.98
N PRO B 174 24.89 -3.21 -7.30
CA PRO B 174 24.24 -1.92 -6.96
C PRO B 174 23.19 -1.50 -7.98
N TYR B 175 22.11 -0.92 -7.47
CA TYR B 175 21.03 -0.41 -8.29
C TYR B 175 20.66 0.99 -7.82
N ARG B 176 20.45 1.88 -8.78
CA ARG B 176 20.14 3.28 -8.50
C ARG B 176 18.65 3.49 -8.60
N VAL B 177 18.04 3.90 -7.50
CA VAL B 177 16.58 4.03 -7.39
C VAL B 177 16.19 5.49 -7.38
N VAL B 178 15.08 5.81 -8.04
CA VAL B 178 14.49 7.15 -8.06
C VAL B 178 13.00 6.99 -7.79
N VAL B 179 12.48 7.76 -6.83
CA VAL B 179 11.08 7.65 -6.41
C VAL B 179 10.42 9.00 -6.65
N LEU B 180 9.93 9.21 -7.87
CA LEU B 180 9.09 10.37 -8.15
C LEU B 180 7.77 10.25 -7.38
N SER B 181 7.55 11.14 -6.42
CA SER B 181 6.32 11.17 -5.63
C SER B 181 5.52 12.41 -5.99
N PHE B 182 4.28 12.20 -6.43
CA PHE B 182 3.41 13.31 -6.79
C PHE B 182 2.60 13.74 -5.56
N GLU B 183 2.39 15.06 -5.44
CA GLU B 183 1.69 15.64 -4.31
C GLU B 183 0.62 16.57 -4.84
N LEU B 184 -0.63 16.33 -4.44
CA LEU B 184 -1.77 17.18 -4.80
C LEU B 184 -2.30 17.81 -3.51
N LEU B 185 -2.04 19.10 -3.35
CA LEU B 185 -2.44 19.87 -2.19
C LEU B 185 -3.37 21.00 -2.61
N HIS B 186 -3.99 21.65 -1.62
CA HIS B 186 -4.88 22.77 -1.89
C HIS B 186 -4.02 23.99 -2.22
N ALA B 187 -3.62 24.07 -3.51
CA ALA B 187 -2.85 25.18 -4.05
C ALA B 187 -2.75 25.02 -5.56
N PRO B 188 -2.60 26.11 -6.31
CA PRO B 188 -2.46 25.98 -7.77
C PRO B 188 -1.30 25.05 -8.11
N ALA B 189 -1.54 24.18 -9.09
CA ALA B 189 -0.51 23.22 -9.48
C ALA B 189 0.73 23.93 -10.00
N THR B 190 1.88 23.65 -9.37
CA THR B 190 3.16 24.16 -9.84
C THR B 190 3.78 23.25 -10.89
N VAL B 191 3.39 21.98 -10.90
CA VAL B 191 3.94 21.00 -11.82
C VAL B 191 2.80 20.44 -12.67
N CYS B 192 2.92 20.56 -13.99
CA CYS B 192 1.92 20.07 -14.92
C CYS B 192 2.61 19.35 -16.08
N GLY B 193 1.93 18.34 -16.65
CA GLY B 193 2.47 17.64 -17.80
C GLY B 193 2.18 18.40 -19.08
N PRO B 194 2.63 17.83 -20.21
CA PRO B 194 2.37 18.50 -21.50
C PRO B 194 0.90 18.53 -21.90
N ASP B 195 0.05 17.68 -21.33
CA ASP B 195 -1.39 17.71 -21.55
C ASP B 195 -1.75 18.04 -23.00
N VAL C 2 -39.66 -30.90 9.59
CA VAL C 2 -38.32 -30.44 9.22
C VAL C 2 -38.21 -28.96 9.63
N GLN C 3 -37.49 -28.14 8.86
CA GLN C 3 -36.87 -26.94 9.44
C GLN C 3 -37.70 -25.65 9.30
N LEU C 4 -38.54 -25.53 8.28
CA LEU C 4 -39.45 -24.40 8.13
C LEU C 4 -40.74 -24.98 7.58
N VAL C 5 -41.89 -24.39 7.93
CA VAL C 5 -43.16 -25.01 7.58
C VAL C 5 -43.79 -24.22 6.43
N GLN C 6 -44.02 -24.90 5.33
CA GLN C 6 -44.59 -24.28 4.15
C GLN C 6 -46.10 -24.56 4.17
N SER C 7 -46.80 -24.20 3.08
CA SER C 7 -48.25 -24.42 2.99
C SER C 7 -48.49 -25.88 2.59
N GLY C 8 -49.74 -26.23 2.32
CA GLY C 8 -50.06 -27.55 1.83
C GLY C 8 -49.82 -27.69 0.33
N ALA C 9 -50.11 -28.89 -0.17
CA ALA C 9 -49.98 -29.14 -1.60
C ALA C 9 -50.93 -28.24 -2.36
N GLU C 10 -50.65 -28.02 -3.64
CA GLU C 10 -51.49 -27.18 -4.48
C GLU C 10 -51.58 -27.74 -5.89
N VAL C 11 -52.79 -27.76 -6.45
CA VAL C 11 -53.05 -28.17 -7.82
C VAL C 11 -53.75 -27.02 -8.52
N LYS C 12 -53.22 -26.61 -9.67
CA LYS C 12 -53.72 -25.42 -10.36
C LYS C 12 -53.85 -25.71 -11.85
N LYS C 13 -54.72 -24.96 -12.49
CA LYS C 13 -54.96 -25.08 -13.92
C LYS C 13 -54.02 -24.16 -14.71
N PRO C 14 -53.75 -24.46 -15.98
CA PRO C 14 -52.89 -23.57 -16.78
C PRO C 14 -53.46 -22.15 -16.79
N GLY C 15 -52.59 -21.18 -16.55
CA GLY C 15 -52.96 -19.79 -16.48
C GLY C 15 -53.28 -19.26 -15.11
N SER C 16 -53.36 -20.12 -14.10
CA SER C 16 -53.67 -19.62 -12.78
C SER C 16 -52.39 -19.10 -12.12
N SER C 17 -52.56 -18.49 -10.97
CA SER C 17 -51.46 -18.04 -10.14
C SER C 17 -51.61 -18.65 -8.75
N VAL C 18 -50.49 -18.88 -8.08
CA VAL C 18 -50.50 -19.54 -6.77
C VAL C 18 -49.53 -18.84 -5.83
N LYS C 19 -49.90 -18.80 -4.55
CA LYS C 19 -49.14 -18.19 -3.47
C LYS C 19 -48.94 -19.22 -2.38
N VAL C 20 -47.69 -19.37 -1.93
CA VAL C 20 -47.31 -20.37 -0.94
C VAL C 20 -46.70 -19.66 0.26
N SER C 21 -46.69 -20.34 1.40
CA SER C 21 -46.30 -19.71 2.66
C SER C 21 -45.22 -20.52 3.36
N CYS C 22 -44.43 -19.83 4.19
CA CYS C 22 -43.30 -20.40 4.92
C CYS C 22 -43.21 -19.83 6.33
N LYS C 23 -43.07 -20.69 7.33
CA LYS C 23 -42.95 -20.30 8.73
C LYS C 23 -41.76 -21.05 9.31
N ALA C 24 -41.36 -20.74 10.55
CA ALA C 24 -40.02 -21.09 11.03
C ALA C 24 -40.02 -22.19 12.07
N SER C 25 -39.13 -23.18 11.89
CA SER C 25 -38.85 -24.22 12.86
C SER C 25 -37.35 -24.20 13.15
N GLY C 26 -37.01 -24.28 14.43
CA GLY C 26 -35.63 -24.11 14.83
C GLY C 26 -35.17 -22.66 14.83
N GLY C 27 -36.04 -21.72 14.44
CA GLY C 27 -35.74 -20.30 14.51
C GLY C 27 -36.97 -19.42 14.61
N THR C 28 -36.69 -18.12 14.50
CA THR C 28 -37.67 -17.05 14.52
C THR C 28 -37.37 -16.06 13.40
N PHE C 29 -37.14 -16.57 12.17
CA PHE C 29 -36.82 -15.78 10.98
C PHE C 29 -35.75 -14.71 11.26
N SER C 30 -34.90 -14.90 12.26
CA SER C 30 -34.07 -13.79 12.74
C SER C 30 -32.86 -13.59 11.84
N SER C 31 -32.77 -12.41 11.22
CA SER C 31 -31.62 -12.05 10.38
C SER C 31 -31.33 -13.07 9.30
N TYR C 32 -32.27 -13.95 9.00
CA TYR C 32 -32.08 -14.96 7.96
C TYR C 32 -32.67 -14.48 6.65
N THR C 33 -31.89 -14.48 5.58
CA THR C 33 -32.45 -14.24 4.26
C THR C 33 -33.25 -15.49 3.86
N ILE C 34 -34.32 -15.29 3.10
CA ILE C 34 -35.21 -16.39 2.74
C ILE C 34 -35.07 -16.62 1.25
N SER C 35 -34.79 -17.86 0.89
CA SER C 35 -34.62 -18.26 -0.50
C SER C 35 -35.74 -19.19 -0.93
N TRP C 36 -35.98 -19.22 -2.22
CA TRP C 36 -36.92 -20.13 -2.84
C TRP C 36 -36.17 -20.95 -3.89
N VAL C 37 -36.21 -22.28 -3.73
CA VAL C 37 -35.56 -23.19 -4.64
C VAL C 37 -36.62 -24.14 -5.20
N ARG C 38 -36.45 -24.50 -6.47
CA ARG C 38 -37.43 -25.31 -7.20
C ARG C 38 -36.83 -26.62 -7.68
N GLN C 39 -37.55 -27.72 -7.46
CA GLN C 39 -37.12 -29.04 -7.88
C GLN C 39 -38.20 -29.60 -8.80
N ALA C 40 -38.00 -29.50 -10.10
CA ALA C 40 -38.88 -30.11 -11.09
C ALA C 40 -38.96 -31.62 -10.87
N PRO C 41 -39.91 -32.30 -11.51
CA PRO C 41 -40.02 -33.76 -11.32
C PRO C 41 -38.78 -34.48 -11.83
N GLY C 42 -38.00 -35.07 -10.91
CA GLY C 42 -36.81 -35.80 -11.32
C GLY C 42 -35.70 -34.93 -11.84
N GLN C 43 -35.66 -33.69 -11.41
CA GLN C 43 -34.73 -32.72 -11.96
C GLN C 43 -33.98 -32.03 -10.85
N GLY C 44 -32.92 -31.34 -11.21
CA GLY C 44 -32.09 -30.71 -10.22
C GLY C 44 -32.75 -29.51 -9.59
N LEU C 45 -32.02 -28.90 -8.65
CA LEU C 45 -32.54 -27.77 -7.89
C LEU C 45 -32.16 -26.46 -8.57
N GLU C 46 -33.09 -25.50 -8.57
CA GLU C 46 -32.87 -24.18 -9.14
C GLU C 46 -33.39 -23.13 -8.18
N CYS C 47 -32.54 -22.20 -7.76
CA CYS C 47 -32.92 -21.12 -6.87
C CYS C 47 -33.43 -19.96 -7.72
N MET C 48 -34.69 -19.57 -7.49
CA MET C 48 -35.32 -18.49 -8.24
C MET C 48 -35.45 -17.18 -7.48
N GLY C 49 -35.33 -17.16 -6.15
CA GLY C 49 -35.59 -15.93 -5.44
C GLY C 49 -35.06 -15.87 -4.03
N ARG C 50 -35.01 -14.64 -3.52
CA ARG C 50 -34.54 -14.34 -2.18
C ARG C 50 -35.32 -13.16 -1.63
N ILE C 51 -35.48 -13.14 -0.31
CA ILE C 51 -36.12 -12.02 0.36
C ILE C 51 -35.32 -11.71 1.61
N ILE C 52 -35.02 -10.42 1.83
CA ILE C 52 -34.39 -9.98 3.06
C ILE C 52 -35.48 -9.52 4.02
N PRO C 53 -35.83 -10.30 5.04
CA PRO C 53 -36.99 -9.93 5.86
C PRO C 53 -36.83 -8.58 6.53
N ILE C 54 -35.67 -8.30 7.10
CA ILE C 54 -35.53 -7.10 7.92
C ILE C 54 -35.53 -5.84 7.07
N LEU C 55 -34.96 -5.92 5.88
CA LEU C 55 -34.87 -4.75 5.00
C LEU C 55 -35.98 -4.72 3.98
N GLY C 56 -36.63 -5.85 3.74
CA GLY C 56 -37.69 -5.92 2.75
C GLY C 56 -37.20 -5.60 1.38
N ILE C 57 -36.16 -6.30 0.96
CA ILE C 57 -35.51 -6.11 -0.33
C ILE C 57 -35.47 -7.46 -1.02
N ALA C 58 -35.96 -7.51 -2.24
CA ALA C 58 -36.15 -8.75 -2.98
C ALA C 58 -35.22 -8.80 -4.18
N ASN C 59 -34.48 -9.90 -4.29
CA ASN C 59 -33.64 -10.18 -5.44
C ASN C 59 -34.06 -11.51 -6.06
N TYR C 60 -34.26 -11.52 -7.37
CA TYR C 60 -34.72 -12.70 -8.10
C TYR C 60 -33.76 -13.08 -9.22
N ALA C 61 -33.66 -14.37 -9.49
CA ALA C 61 -32.78 -14.88 -10.53
C ALA C 61 -33.28 -14.44 -11.91
N GLN C 62 -32.37 -14.43 -12.89
CA GLN C 62 -32.75 -14.02 -14.23
C GLN C 62 -33.84 -14.92 -14.80
N LYS C 63 -33.80 -16.23 -14.49
CA LYS C 63 -34.83 -17.13 -15.04
C LYS C 63 -36.19 -16.81 -14.45
N PHE C 64 -36.22 -16.40 -13.18
CA PHE C 64 -37.33 -15.62 -12.67
C PHE C 64 -37.70 -14.50 -13.65
N GLN C 65 -38.98 -14.33 -13.90
CA GLN C 65 -39.43 -13.19 -14.71
C GLN C 65 -40.36 -12.36 -13.86
N GLY C 66 -41.12 -11.45 -14.44
CA GLY C 66 -42.20 -10.81 -13.71
C GLY C 66 -43.05 -11.82 -12.95
N ARG C 67 -43.10 -13.06 -13.46
CA ARG C 67 -44.03 -14.08 -12.96
C ARG C 67 -43.83 -14.40 -11.48
N VAL C 68 -42.61 -14.55 -11.03
CA VAL C 68 -42.41 -14.90 -9.63
C VAL C 68 -42.22 -13.62 -8.84
N THR C 69 -42.86 -13.51 -7.66
CA THR C 69 -42.76 -12.32 -6.82
C THR C 69 -42.78 -12.81 -5.38
N ILE C 70 -41.75 -12.44 -4.63
CA ILE C 70 -41.56 -12.92 -3.26
C ILE C 70 -41.58 -11.75 -2.30
N THR C 71 -42.35 -11.92 -1.21
CA THR C 71 -42.46 -10.94 -0.14
C THR C 71 -42.33 -11.64 1.21
N ALA C 72 -42.33 -10.86 2.29
CA ALA C 72 -42.11 -11.45 3.61
C ALA C 72 -42.40 -10.38 4.65
N ASP C 73 -43.06 -10.80 5.71
CA ASP C 73 -43.36 -9.95 6.84
C ASP C 73 -42.49 -10.39 8.02
N LYS C 74 -41.76 -9.44 8.59
CA LYS C 74 -40.97 -9.74 9.79
C LYS C 74 -41.88 -9.86 11.01
N SER C 75 -42.88 -9.00 11.11
CA SER C 75 -43.83 -9.10 12.21
C SER C 75 -44.50 -10.47 12.22
N THR C 76 -45.10 -10.85 11.10
CA THR C 76 -45.89 -12.08 11.10
C THR C 76 -45.01 -13.30 11.35
N SER C 77 -43.74 -13.26 10.89
CA SER C 77 -42.77 -14.34 10.99
C SER C 77 -42.92 -15.29 9.81
N ILE C 78 -43.70 -14.90 8.80
CA ILE C 78 -43.99 -15.75 7.66
C ILE C 78 -43.41 -15.11 6.41
N ALA C 79 -43.15 -15.97 5.41
CA ALA C 79 -42.61 -15.59 4.11
C ALA C 79 -43.42 -16.22 2.99
N TYR C 80 -43.49 -15.50 1.86
CA TYR C 80 -44.37 -15.90 0.77
C TYR C 80 -43.77 -15.74 -0.62
N MET C 81 -44.24 -16.57 -1.57
CA MET C 81 -43.88 -16.40 -2.98
C MET C 81 -45.09 -16.66 -3.88
N GLU C 82 -45.13 -16.03 -5.06
CA GLU C 82 -46.23 -16.19 -5.98
C GLU C 82 -45.75 -16.34 -7.42
N VAL C 83 -46.50 -17.12 -8.20
CA VAL C 83 -46.25 -17.34 -9.62
C VAL C 83 -47.55 -17.09 -10.39
N SER C 84 -47.42 -16.47 -11.55
CA SER C 84 -48.54 -16.25 -12.46
C SER C 84 -48.26 -16.92 -13.81
N SER C 85 -49.32 -17.07 -14.61
CA SER C 85 -49.22 -17.70 -15.92
C SER C 85 -48.59 -19.09 -15.82
N LEU C 86 -49.14 -19.89 -14.91
CA LEU C 86 -48.64 -21.23 -14.70
C LEU C 86 -48.81 -22.05 -15.98
N ARG C 87 -47.89 -22.98 -16.17
CA ARG C 87 -47.94 -23.85 -17.33
C ARG C 87 -47.43 -25.24 -16.92
N SER C 88 -47.37 -26.15 -17.89
CA SER C 88 -46.90 -27.50 -17.62
C SER C 88 -45.50 -27.44 -17.01
N GLU C 89 -44.65 -26.55 -17.53
CA GLU C 89 -43.25 -26.51 -17.11
C GLU C 89 -43.12 -26.35 -15.60
N ASP C 90 -43.88 -25.42 -15.02
CA ASP C 90 -43.65 -25.08 -13.61
C ASP C 90 -44.40 -26.02 -12.67
N THR C 91 -44.02 -27.28 -12.69
CA THR C 91 -44.60 -28.27 -11.78
C THR C 91 -43.45 -28.78 -10.94
N ALA C 92 -43.48 -28.56 -9.63
CA ALA C 92 -42.31 -28.92 -8.85
C ALA C 92 -42.62 -28.86 -7.37
N VAL C 93 -41.66 -29.35 -6.58
CA VAL C 93 -41.66 -29.10 -5.15
C VAL C 93 -40.86 -27.83 -4.92
N TYR C 94 -41.54 -26.78 -4.44
CA TYR C 94 -40.93 -25.49 -4.24
C TYR C 94 -40.56 -25.43 -2.77
N TYR C 95 -39.33 -25.03 -2.50
CA TYR C 95 -38.78 -25.01 -1.15
C TYR C 95 -38.49 -23.58 -0.72
N CYS C 96 -38.75 -23.29 0.56
CA CYS C 96 -38.25 -22.07 1.21
C CYS C 96 -37.14 -22.51 2.16
N ALA C 97 -36.01 -21.82 2.13
CA ALA C 97 -34.85 -22.18 2.94
C ALA C 97 -34.20 -20.91 3.48
N THR C 98 -33.60 -21.02 4.66
CA THR C 98 -32.87 -19.92 5.25
C THR C 98 -31.44 -19.92 4.74
N GLU C 99 -31.00 -18.78 4.21
CA GLU C 99 -29.62 -18.58 3.82
C GLU C 99 -28.77 -18.27 5.05
N VAL C 100 -27.49 -18.64 4.98
CA VAL C 100 -26.51 -18.33 6.02
C VAL C 100 -25.28 -17.75 5.36
N GLY C 101 -24.77 -16.66 5.94
CA GLY C 101 -23.54 -16.06 5.45
C GLY C 101 -22.43 -16.14 6.47
N TYR C 102 -21.20 -15.95 6.00
CA TYR C 102 -20.02 -15.97 6.85
C TYR C 102 -19.05 -14.95 6.29
N SER C 103 -18.09 -14.55 7.10
CA SER C 103 -16.96 -13.77 6.64
C SER C 103 -15.79 -14.68 6.29
N GLY C 104 -15.21 -14.48 5.10
CA GLY C 104 -14.16 -15.35 4.61
C GLY C 104 -13.68 -14.88 3.26
N TYR C 105 -12.67 -15.58 2.73
CA TYR C 105 -12.06 -15.17 1.47
C TYR C 105 -12.85 -15.68 0.28
N GLY C 106 -13.44 -16.85 0.40
CA GLY C 106 -14.27 -17.33 -0.68
C GLY C 106 -15.75 -17.45 -0.35
N SER C 107 -16.25 -16.55 0.51
CA SER C 107 -17.59 -16.68 1.08
C SER C 107 -18.66 -16.87 0.02
N ALA C 108 -19.57 -17.81 0.29
CA ALA C 108 -20.74 -18.08 -0.55
C ALA C 108 -21.83 -18.57 0.39
N GLU C 109 -23.07 -18.11 0.17
CA GLU C 109 -24.16 -18.46 1.08
C GLU C 109 -24.50 -19.94 0.99
N TYR C 110 -24.91 -20.51 2.13
CA TYR C 110 -25.41 -21.88 2.20
C TYR C 110 -26.71 -21.90 2.97
N PHE C 111 -27.58 -22.86 2.61
CA PHE C 111 -28.93 -22.97 3.17
C PHE C 111 -28.93 -24.00 4.29
N ASN C 112 -29.11 -23.55 5.53
CA ASN C 112 -28.98 -24.45 6.67
C ASN C 112 -30.31 -25.08 7.03
N HIS C 113 -31.39 -24.37 6.80
CA HIS C 113 -32.72 -24.86 7.11
C HIS C 113 -33.59 -24.86 5.86
N TRP C 114 -34.28 -25.98 5.63
CA TRP C 114 -35.18 -26.14 4.50
C TRP C 114 -36.60 -26.44 4.95
N GLY C 115 -37.58 -25.94 4.22
CA GLY C 115 -38.95 -26.26 4.51
C GLY C 115 -39.35 -27.68 4.16
N GLN C 116 -40.63 -27.96 4.32
CA GLN C 116 -41.16 -29.29 4.05
C GLN C 116 -41.20 -29.56 2.56
N GLY C 117 -41.37 -28.51 1.77
CA GLY C 117 -41.65 -28.68 0.36
C GLY C 117 -43.15 -28.57 0.13
N THR C 118 -43.57 -27.78 -0.85
CA THR C 118 -44.98 -27.75 -1.25
C THR C 118 -44.99 -28.12 -2.73
N PRO C 119 -45.53 -29.28 -3.11
CA PRO C 119 -45.57 -29.64 -4.54
C PRO C 119 -46.75 -28.99 -5.25
N VAL C 120 -46.45 -28.16 -6.24
CA VAL C 120 -47.48 -27.50 -7.05
C VAL C 120 -47.56 -28.18 -8.41
N THR C 121 -48.74 -28.70 -8.74
CA THR C 121 -48.98 -29.38 -10.01
C THR C 121 -49.92 -28.56 -10.88
N VAL C 122 -49.50 -28.33 -12.13
CA VAL C 122 -50.27 -27.58 -13.12
C VAL C 122 -50.78 -28.58 -14.15
N SER C 123 -52.10 -28.74 -14.21
CA SER C 123 -52.69 -29.66 -15.15
C SER C 123 -54.03 -29.09 -15.61
N SER C 124 -54.45 -29.49 -16.80
CA SER C 124 -55.75 -29.12 -17.34
C SER C 124 -56.83 -30.05 -16.87
N ALA C 125 -56.50 -30.94 -15.93
CA ALA C 125 -57.41 -31.97 -15.47
C ALA C 125 -58.25 -31.45 -14.32
N SER C 126 -59.56 -31.33 -14.53
CA SER C 126 -60.45 -31.00 -13.43
C SER C 126 -60.58 -32.23 -12.54
N THR C 127 -61.00 -32.00 -11.30
CA THR C 127 -61.09 -33.10 -10.34
C THR C 127 -62.07 -34.13 -10.85
N LYS C 128 -61.75 -35.40 -10.61
CA LYS C 128 -62.62 -36.50 -11.00
C LYS C 128 -62.48 -37.64 -10.01
N GLY C 129 -63.55 -38.41 -9.87
CA GLY C 129 -63.57 -39.54 -8.98
C GLY C 129 -62.99 -40.79 -9.57
N PRO C 130 -62.50 -41.67 -8.72
CA PRO C 130 -61.92 -42.92 -9.20
C PRO C 130 -62.99 -43.94 -9.51
N SER C 131 -62.69 -44.78 -10.50
CA SER C 131 -63.51 -45.92 -10.85
C SER C 131 -62.81 -47.16 -10.31
N VAL C 132 -63.47 -47.86 -9.39
CA VAL C 132 -62.88 -48.98 -8.69
C VAL C 132 -63.52 -50.26 -9.20
N PHE C 133 -62.75 -51.04 -9.98
CA PHE C 133 -63.17 -52.33 -10.47
C PHE C 133 -62.46 -53.45 -9.72
N PRO C 134 -63.13 -54.57 -9.49
CA PRO C 134 -62.50 -55.66 -8.73
C PRO C 134 -61.61 -56.53 -9.61
N LEU C 135 -60.56 -57.03 -8.99
CA LEU C 135 -59.59 -57.93 -9.61
C LEU C 135 -59.81 -59.32 -9.03
N ALA C 136 -60.65 -60.11 -9.70
CA ALA C 136 -61.05 -61.40 -9.16
C ALA C 136 -59.86 -62.34 -9.09
N PRO C 137 -59.73 -63.10 -8.00
CA PRO C 137 -58.61 -64.04 -7.89
C PRO C 137 -58.83 -65.29 -8.72
N SER C 138 -57.79 -65.69 -9.43
CA SER C 138 -57.74 -66.99 -10.12
C SER C 138 -56.87 -67.90 -9.25
N SER C 139 -57.52 -68.70 -8.40
CA SER C 139 -56.78 -69.44 -7.38
C SER C 139 -55.72 -70.35 -7.99
N LYS C 140 -55.95 -70.81 -9.23
CA LYS C 140 -55.00 -71.71 -9.90
C LYS C 140 -53.90 -70.98 -10.66
N SER C 141 -54.11 -69.71 -11.03
CA SER C 141 -53.14 -68.93 -11.80
C SER C 141 -52.19 -68.13 -10.91
N THR C 142 -52.39 -68.13 -9.59
CA THR C 142 -51.47 -67.54 -8.62
C THR C 142 -50.79 -68.68 -7.85
N SER C 143 -50.19 -68.37 -6.72
CA SER C 143 -49.45 -69.37 -5.95
C SER C 143 -50.37 -70.52 -5.55
N GLY C 144 -49.77 -71.70 -5.35
CA GLY C 144 -50.51 -72.87 -4.94
C GLY C 144 -51.09 -72.73 -3.56
N GLY C 145 -52.40 -72.67 -3.45
CA GLY C 145 -53.07 -72.44 -2.18
C GLY C 145 -53.11 -70.99 -1.73
N THR C 146 -52.59 -70.06 -2.53
CA THR C 146 -52.54 -68.65 -2.19
C THR C 146 -53.04 -67.85 -3.40
N ALA C 147 -54.03 -67.00 -3.17
CA ALA C 147 -54.67 -66.25 -4.23
C ALA C 147 -54.28 -64.78 -4.17
N ALA C 148 -54.36 -64.12 -5.33
CA ALA C 148 -54.08 -62.69 -5.45
C ALA C 148 -55.32 -62.00 -6.00
N LEU C 149 -55.93 -61.14 -5.18
CA LEU C 149 -57.10 -60.37 -5.59
C LEU C 149 -56.90 -58.92 -5.18
N GLY C 150 -57.42 -58.01 -6.01
CA GLY C 150 -57.21 -56.59 -5.76
C GLY C 150 -58.30 -55.66 -6.26
N CYS C 151 -57.98 -54.37 -6.27
CA CYS C 151 -58.89 -53.34 -6.74
C CYS C 151 -58.14 -52.44 -7.70
N LEU C 152 -58.87 -51.90 -8.68
CA LEU C 152 -58.29 -51.04 -9.71
C LEU C 152 -58.91 -49.66 -9.64
N VAL C 153 -58.32 -48.77 -8.83
CA VAL C 153 -58.69 -47.37 -8.88
C VAL C 153 -58.26 -46.77 -10.20
N LYS C 154 -59.16 -46.05 -10.85
CA LYS C 154 -58.94 -45.60 -12.23
C LYS C 154 -59.53 -44.21 -12.41
N ASP C 155 -58.86 -43.42 -13.24
CA ASP C 155 -59.31 -42.10 -13.64
C ASP C 155 -59.70 -41.24 -12.43
N TYR C 156 -58.68 -40.81 -11.69
CA TYR C 156 -58.90 -39.95 -10.54
C TYR C 156 -57.88 -38.84 -10.54
N PHE C 157 -58.36 -37.62 -10.30
CA PHE C 157 -57.54 -36.42 -10.18
C PHE C 157 -58.09 -35.62 -9.02
N PRO C 158 -57.24 -34.98 -8.21
CA PRO C 158 -55.77 -35.03 -8.25
C PRO C 158 -55.28 -36.34 -7.62
N GLU C 159 -54.00 -36.39 -7.25
CA GLU C 159 -53.34 -37.64 -6.88
C GLU C 159 -53.68 -38.24 -5.53
N PRO C 160 -53.92 -37.45 -4.49
CA PRO C 160 -54.17 -38.07 -3.17
C PRO C 160 -55.30 -39.12 -3.21
N VAL C 161 -54.99 -40.34 -2.78
CA VAL C 161 -55.96 -41.45 -2.75
C VAL C 161 -55.45 -42.51 -1.77
N THR C 162 -56.36 -43.26 -1.16
CA THR C 162 -55.98 -44.23 -0.14
C THR C 162 -56.80 -45.51 -0.25
N VAL C 163 -56.18 -46.64 0.09
CA VAL C 163 -56.81 -47.96 -0.04
C VAL C 163 -56.53 -48.79 1.22
N SER C 164 -57.59 -49.19 1.91
CA SER C 164 -57.49 -50.09 3.05
C SER C 164 -58.41 -51.29 2.80
N TRP C 165 -57.93 -52.49 3.13
CA TRP C 165 -58.69 -53.71 2.89
C TRP C 165 -59.43 -54.13 4.15
N ASN C 166 -60.74 -54.31 4.04
CA ASN C 166 -61.60 -54.75 5.14
C ASN C 166 -61.53 -53.79 6.32
N SER C 167 -61.77 -52.51 6.02
CA SER C 167 -61.81 -51.46 7.04
C SER C 167 -60.53 -51.43 7.86
N GLY C 168 -59.41 -51.80 7.23
CA GLY C 168 -58.11 -51.78 7.87
C GLY C 168 -57.75 -53.02 8.67
N ALA C 169 -58.68 -53.96 8.85
CA ALA C 169 -58.36 -55.18 9.58
C ALA C 169 -57.40 -56.06 8.78
N LEU C 170 -57.51 -56.07 7.46
CA LEU C 170 -56.61 -56.84 6.61
C LEU C 170 -55.41 -55.98 6.25
N THR C 171 -54.22 -56.45 6.62
CA THR C 171 -52.99 -55.74 6.36
C THR C 171 -51.92 -56.63 5.73
N SER C 172 -51.78 -57.87 6.20
CA SER C 172 -50.79 -58.77 5.63
C SER C 172 -51.12 -59.07 4.18
N GLY C 173 -50.07 -59.22 3.37
CA GLY C 173 -50.23 -59.44 1.95
C GLY C 173 -50.76 -58.25 1.19
N VAL C 174 -51.24 -57.21 1.87
CA VAL C 174 -51.74 -56.01 1.20
C VAL C 174 -50.56 -55.19 0.71
N HIS C 175 -50.45 -55.04 -0.61
CA HIS C 175 -49.39 -54.24 -1.22
C HIS C 175 -50.04 -53.34 -2.27
N THR C 176 -50.11 -52.04 -1.98
CA THR C 176 -50.65 -51.09 -2.92
C THR C 176 -49.54 -50.54 -3.80
N PHE C 177 -49.86 -50.25 -5.04
CA PHE C 177 -48.86 -49.84 -6.01
C PHE C 177 -49.00 -48.37 -6.36
N PRO C 178 -47.89 -47.66 -6.58
CA PRO C 178 -47.96 -46.25 -6.97
C PRO C 178 -48.78 -46.08 -8.24
N ALA C 179 -49.66 -45.08 -8.22
CA ALA C 179 -50.49 -44.79 -9.38
C ALA C 179 -49.62 -44.35 -10.55
N VAL C 180 -50.14 -44.52 -11.74
CA VAL C 180 -49.45 -44.11 -12.96
C VAL C 180 -50.19 -42.91 -13.53
N LEU C 181 -49.47 -42.08 -14.27
CA LEU C 181 -50.06 -40.94 -14.95
C LEU C 181 -50.31 -41.34 -16.40
N GLN C 182 -51.49 -41.00 -16.90
CA GLN C 182 -51.94 -41.43 -18.21
C GLN C 182 -51.84 -40.31 -19.24
N SER C 183 -51.97 -40.70 -20.51
CA SER C 183 -52.01 -39.71 -21.59
C SER C 183 -53.14 -38.71 -21.40
N SER C 184 -54.19 -39.09 -20.66
CA SER C 184 -55.32 -38.21 -20.41
C SER C 184 -55.05 -37.23 -19.27
N GLY C 185 -54.05 -37.50 -18.43
CA GLY C 185 -53.77 -36.68 -17.28
C GLY C 185 -54.41 -37.14 -16.00
N LEU C 186 -55.10 -38.28 -16.01
CA LEU C 186 -55.75 -38.83 -14.84
C LEU C 186 -54.96 -40.02 -14.31
N TYR C 187 -55.05 -40.24 -13.01
CA TYR C 187 -54.27 -41.26 -12.33
C TYR C 187 -55.04 -42.57 -12.22
N SER C 188 -54.31 -43.65 -11.96
CA SER C 188 -54.89 -44.98 -11.86
C SER C 188 -53.91 -45.87 -11.12
N LEU C 189 -54.40 -46.55 -10.08
CA LEU C 189 -53.55 -47.42 -9.28
C LEU C 189 -54.26 -48.74 -9.01
N SER C 190 -53.53 -49.67 -8.41
CA SER C 190 -54.03 -50.99 -8.07
C SER C 190 -53.49 -51.39 -6.71
N SER C 191 -54.35 -51.99 -5.90
CA SER C 191 -53.98 -52.50 -4.58
C SER C 191 -54.37 -53.97 -4.52
N VAL C 192 -53.38 -54.85 -4.43
CA VAL C 192 -53.63 -56.29 -4.40
C VAL C 192 -53.29 -56.82 -3.01
N VAL C 193 -53.91 -57.95 -2.68
CA VAL C 193 -53.66 -58.64 -1.42
C VAL C 193 -53.46 -60.13 -1.72
N THR C 194 -52.60 -60.77 -0.92
CA THR C 194 -52.28 -62.18 -1.08
C THR C 194 -52.88 -62.96 0.08
N VAL C 195 -53.80 -63.88 -0.23
CA VAL C 195 -54.57 -64.58 0.79
C VAL C 195 -54.62 -66.06 0.47
N PRO C 196 -54.88 -66.92 1.46
CA PRO C 196 -55.00 -68.36 1.21
C PRO C 196 -56.20 -68.67 0.32
N SER C 197 -56.03 -69.68 -0.53
CA SER C 197 -57.12 -70.06 -1.44
C SER C 197 -58.31 -70.66 -0.68
N SER C 198 -58.07 -71.30 0.47
CA SER C 198 -59.16 -71.93 1.19
C SER C 198 -60.17 -70.92 1.71
N SER C 199 -59.73 -69.72 2.02
CA SER C 199 -60.62 -68.69 2.54
C SER C 199 -61.33 -67.91 1.44
N LEU C 200 -61.13 -68.26 0.17
CA LEU C 200 -61.74 -67.49 -0.91
C LEU C 200 -63.26 -67.56 -0.84
N GLY C 201 -63.79 -68.78 -0.68
CA GLY C 201 -65.23 -68.95 -0.63
C GLY C 201 -65.87 -68.57 0.69
N THR C 202 -65.06 -68.36 1.73
CA THR C 202 -65.55 -68.06 3.07
C THR C 202 -65.35 -66.60 3.45
N GLN C 203 -64.11 -66.12 3.48
CA GLN C 203 -63.85 -64.75 3.89
C GLN C 203 -64.30 -63.77 2.81
N THR C 204 -64.90 -62.66 3.25
CA THR C 204 -65.28 -61.58 2.37
C THR C 204 -64.15 -60.55 2.30
N TYR C 205 -63.95 -59.97 1.11
CA TYR C 205 -62.84 -59.05 0.86
C TYR C 205 -63.36 -57.78 0.21
N ILE C 206 -63.09 -56.64 0.84
CA ILE C 206 -63.55 -55.34 0.36
C ILE C 206 -62.43 -54.33 0.54
N CYS C 207 -62.01 -53.71 -0.55
CA CYS C 207 -61.06 -52.61 -0.50
C CYS C 207 -61.81 -51.32 -0.27
N ASN C 208 -61.24 -50.46 0.58
CA ASN C 208 -61.85 -49.19 0.95
C ASN C 208 -61.00 -48.06 0.37
N VAL C 209 -61.56 -47.34 -0.59
CA VAL C 209 -60.87 -46.27 -1.28
C VAL C 209 -61.46 -44.93 -0.86
N ASN C 210 -60.60 -43.98 -0.52
CA ASN C 210 -61.02 -42.62 -0.20
C ASN C 210 -60.22 -41.65 -1.05
N HIS C 211 -60.92 -40.91 -1.92
CA HIS C 211 -60.31 -39.88 -2.75
C HIS C 211 -60.69 -38.54 -2.13
N LYS C 212 -59.87 -38.11 -1.17
CA LYS C 212 -60.21 -36.89 -0.44
C LYS C 212 -60.34 -35.68 -1.34
N PRO C 213 -59.53 -35.51 -2.39
CA PRO C 213 -59.75 -34.35 -3.26
C PRO C 213 -61.12 -34.33 -3.88
N SER C 214 -61.58 -35.46 -4.39
CA SER C 214 -62.89 -35.57 -4.98
C SER C 214 -63.96 -35.87 -3.95
N ASN C 215 -63.57 -36.05 -2.69
CA ASN C 215 -64.52 -36.33 -1.62
C ASN C 215 -65.32 -37.59 -1.93
N THR C 216 -64.65 -38.62 -2.43
CA THR C 216 -65.32 -39.83 -2.89
C THR C 216 -64.79 -41.05 -2.14
N LYS C 217 -65.70 -41.80 -1.53
CA LYS C 217 -65.38 -43.05 -0.85
C LYS C 217 -66.11 -44.19 -1.54
N VAL C 218 -65.38 -45.26 -1.83
CA VAL C 218 -65.92 -46.39 -2.58
C VAL C 218 -65.55 -47.68 -1.86
N ASP C 219 -66.55 -48.52 -1.62
CA ASP C 219 -66.34 -49.89 -1.13
C ASP C 219 -66.77 -50.85 -2.23
N LYS C 220 -65.93 -51.83 -2.53
CA LYS C 220 -66.21 -52.79 -3.59
C LYS C 220 -65.80 -54.18 -3.11
N ARG C 221 -66.69 -55.15 -3.29
CA ARG C 221 -66.38 -56.54 -2.93
C ARG C 221 -65.69 -57.24 -4.08
N VAL C 222 -64.66 -58.01 -3.76
CA VAL C 222 -63.90 -58.76 -4.76
C VAL C 222 -64.21 -60.23 -4.58
N GLU C 223 -65.14 -60.77 -5.41
CA GLU C 223 -65.48 -62.19 -5.40
C GLU C 223 -64.80 -62.92 -6.56
N PRO C 224 -64.51 -64.21 -6.42
CA PRO C 224 -63.97 -64.95 -7.56
C PRO C 224 -64.96 -65.03 -8.71
N LYS C 225 -64.42 -65.30 -9.90
CA LYS C 225 -65.24 -65.41 -11.10
C LYS C 225 -66.29 -66.52 -10.96
N SER D 2 -22.12 -20.08 -16.05
CA SER D 2 -21.84 -21.51 -16.24
C SER D 2 -22.61 -22.33 -15.23
N VAL D 3 -22.18 -23.57 -15.05
CA VAL D 3 -22.84 -24.55 -14.19
C VAL D 3 -21.80 -25.37 -13.45
N LEU D 4 -22.27 -26.17 -12.50
CA LEU D 4 -21.46 -27.16 -11.80
C LEU D 4 -21.84 -28.53 -12.32
N THR D 5 -20.84 -29.35 -12.58
CA THR D 5 -21.04 -30.69 -13.12
C THR D 5 -20.83 -31.75 -12.05
N GLN D 6 -21.75 -32.71 -12.03
CA GLN D 6 -21.69 -33.84 -11.12
C GLN D 6 -21.91 -35.16 -11.85
N PRO D 7 -21.27 -36.23 -11.38
CA PRO D 7 -21.60 -37.57 -11.88
C PRO D 7 -23.08 -37.84 -11.71
N PRO D 8 -23.82 -38.18 -12.78
CA PRO D 8 -25.25 -38.46 -12.59
C PRO D 8 -25.47 -39.56 -11.57
N SER D 9 -24.54 -40.50 -11.49
CA SER D 9 -24.70 -41.67 -10.64
C SER D 9 -23.33 -42.15 -10.21
N VAL D 10 -23.22 -42.59 -8.97
CA VAL D 10 -22.06 -43.31 -8.49
C VAL D 10 -22.53 -44.45 -7.60
N SER D 11 -21.87 -45.60 -7.71
CA SER D 11 -22.22 -46.78 -6.95
C SER D 11 -21.07 -47.14 -5.99
N GLY D 12 -21.42 -47.57 -4.79
CA GLY D 12 -20.41 -47.90 -3.80
C GLY D 12 -20.79 -49.14 -3.02
N ALA D 13 -19.77 -49.86 -2.60
CA ALA D 13 -20.00 -51.05 -1.78
C ALA D 13 -19.91 -50.68 -0.31
N PRO D 14 -20.73 -51.28 0.54
CA PRO D 14 -20.67 -50.94 1.97
C PRO D 14 -19.25 -51.02 2.52
N GLY D 15 -18.83 -49.96 3.19
CA GLY D 15 -17.52 -49.89 3.78
C GLY D 15 -16.45 -49.25 2.92
N GLN D 16 -16.69 -49.08 1.62
CA GLN D 16 -15.72 -48.49 0.73
C GLN D 16 -15.75 -46.97 0.83
N ARG D 17 -14.68 -46.33 0.33
CA ARG D 17 -14.68 -44.88 0.20
C ARG D 17 -15.39 -44.51 -1.10
N VAL D 18 -16.03 -43.36 -1.11
CA VAL D 18 -16.80 -42.91 -2.26
C VAL D 18 -16.45 -41.45 -2.50
N THR D 19 -16.16 -41.12 -3.76
CA THR D 19 -15.77 -39.75 -4.11
C THR D 19 -16.74 -39.20 -5.14
N ILE D 20 -17.49 -38.17 -4.76
CA ILE D 20 -18.38 -37.48 -5.68
C ILE D 20 -17.74 -36.15 -6.05
N SER D 21 -17.78 -35.82 -7.34
CA SER D 21 -17.10 -34.66 -7.89
C SER D 21 -18.04 -33.49 -8.10
N CYS D 22 -17.47 -32.30 -8.11
CA CYS D 22 -18.22 -31.07 -8.41
C CYS D 22 -17.22 -30.13 -9.06
N THR D 23 -17.26 -30.07 -10.40
CA THR D 23 -16.33 -29.25 -11.17
C THR D 23 -17.05 -28.05 -11.75
N GLY D 24 -16.39 -26.88 -11.68
CA GLY D 24 -16.97 -25.68 -12.22
C GLY D 24 -15.91 -24.83 -12.90
N SER D 25 -16.38 -23.91 -13.74
CA SER D 25 -15.50 -23.04 -14.51
C SER D 25 -14.99 -21.88 -13.65
N ASN D 26 -14.39 -20.87 -14.28
CA ASN D 26 -13.87 -19.72 -13.57
C ASN D 26 -14.94 -18.77 -13.07
N SER D 27 -16.17 -18.91 -13.56
CA SER D 27 -17.27 -18.07 -13.12
C SER D 27 -17.73 -18.40 -11.71
N ASN D 28 -17.55 -19.66 -11.26
CA ASN D 28 -18.01 -20.10 -9.94
C ASN D 28 -16.86 -20.66 -9.11
N ILE D 29 -16.64 -21.96 -9.12
CA ILE D 29 -15.60 -22.56 -8.29
C ILE D 29 -14.20 -22.08 -8.70
N GLY D 30 -14.02 -21.56 -9.91
CA GLY D 30 -12.69 -21.14 -10.35
C GLY D 30 -12.14 -19.99 -9.52
N ALA D 31 -12.99 -19.03 -9.17
CA ALA D 31 -12.66 -18.05 -8.16
C ALA D 31 -12.73 -18.69 -6.77
N GLY D 32 -12.49 -17.89 -5.74
CA GLY D 32 -12.42 -18.47 -4.41
C GLY D 32 -13.68 -19.13 -3.93
N TYR D 33 -14.79 -19.02 -4.68
CA TYR D 33 -16.09 -19.39 -4.18
C TYR D 33 -16.10 -20.80 -3.63
N ASP D 34 -16.57 -20.91 -2.40
CA ASP D 34 -16.61 -22.20 -1.72
C ASP D 34 -17.72 -23.07 -2.29
N VAL D 35 -17.67 -24.36 -1.95
CA VAL D 35 -18.70 -25.31 -2.34
C VAL D 35 -19.36 -25.85 -1.08
N HIS D 36 -20.65 -26.18 -1.22
CA HIS D 36 -21.48 -26.69 -0.14
C HIS D 36 -22.22 -27.91 -0.64
N TRP D 37 -22.31 -28.93 0.21
CA TRP D 37 -22.93 -30.19 -0.15
C TRP D 37 -24.22 -30.43 0.64
N TYR D 38 -25.18 -31.07 -0.02
CA TYR D 38 -26.46 -31.39 0.59
C TYR D 38 -26.76 -32.85 0.32
N GLN D 39 -27.30 -33.52 1.36
CA GLN D 39 -27.88 -34.86 1.23
C GLN D 39 -29.41 -34.71 1.10
N GLN D 40 -30.00 -35.38 0.13
CA GLN D 40 -31.45 -35.36 -0.05
C GLN D 40 -31.96 -36.77 -0.32
N LEU D 41 -32.71 -37.32 0.64
CA LEU D 41 -33.34 -38.61 0.44
C LEU D 41 -34.55 -38.47 -0.49
N PRO D 42 -34.94 -39.53 -1.17
CA PRO D 42 -36.14 -39.45 -2.02
C PRO D 42 -37.32 -38.97 -1.20
N GLY D 43 -37.98 -37.93 -1.69
CA GLY D 43 -39.20 -37.45 -1.08
C GLY D 43 -39.00 -36.57 0.13
N THR D 44 -37.79 -36.49 0.66
CA THR D 44 -37.50 -35.59 1.77
C THR D 44 -36.85 -34.30 1.25
N ALA D 45 -37.03 -33.23 2.01
CA ALA D 45 -36.40 -31.98 1.65
C ALA D 45 -34.90 -32.08 1.87
N PRO D 46 -34.09 -31.46 1.01
CA PRO D 46 -32.63 -31.51 1.20
C PRO D 46 -32.24 -31.06 2.59
N LYS D 47 -31.09 -31.56 3.06
CA LYS D 47 -30.52 -31.10 4.32
C LYS D 47 -29.04 -30.79 4.15
N LEU D 48 -28.60 -29.71 4.78
CA LEU D 48 -27.21 -29.33 4.70
C LEU D 48 -26.34 -30.48 5.20
N LEU D 49 -25.33 -30.84 4.39
CA LEU D 49 -24.36 -31.88 4.73
C LEU D 49 -22.98 -31.31 5.03
N ILE D 50 -22.47 -30.42 4.19
CA ILE D 50 -21.15 -29.81 4.36
C ILE D 50 -21.18 -28.37 3.87
N TYR D 51 -20.73 -27.46 4.71
CA TYR D 51 -20.54 -26.05 4.35
C TYR D 51 -19.06 -25.71 4.44
N ALA D 52 -18.63 -24.78 3.59
CA ALA D 52 -17.22 -24.40 3.47
C ALA D 52 -16.34 -25.56 3.01
N ASN D 53 -16.97 -26.66 2.59
CA ASN D 53 -16.34 -27.86 2.08
C ASN D 53 -15.74 -28.71 3.20
N ASN D 54 -14.95 -28.13 4.10
CA ASN D 54 -14.25 -28.94 5.09
C ASN D 54 -14.95 -28.95 6.46
N ASN D 55 -16.16 -28.38 6.54
CA ASN D 55 -16.93 -28.25 7.77
C ASN D 55 -18.28 -28.94 7.62
N ARG D 56 -18.72 -29.62 8.69
CA ARG D 56 -20.00 -30.31 8.69
C ARG D 56 -20.76 -29.97 9.96
N PRO D 57 -22.06 -29.69 9.85
CA PRO D 57 -22.82 -29.28 11.04
C PRO D 57 -23.01 -30.44 12.01
N SER D 58 -23.21 -30.11 13.29
CA SER D 58 -23.36 -31.13 14.32
C SER D 58 -24.60 -31.96 14.01
N GLY D 59 -24.40 -33.26 13.80
CA GLY D 59 -25.43 -34.15 13.31
C GLY D 59 -25.06 -34.84 12.02
N VAL D 60 -24.11 -34.31 11.27
CA VAL D 60 -23.56 -34.97 10.10
C VAL D 60 -22.45 -35.91 10.59
N PRO D 61 -22.54 -37.21 10.32
CA PRO D 61 -21.56 -38.15 10.90
C PRO D 61 -20.15 -37.90 10.38
N ASP D 62 -19.21 -38.53 11.07
CA ASP D 62 -17.78 -38.26 10.90
C ASP D 62 -17.20 -38.71 9.57
N ARG D 63 -17.89 -39.60 8.85
CA ARG D 63 -17.33 -40.14 7.62
C ARG D 63 -17.48 -39.21 6.42
N PHE D 64 -18.32 -38.18 6.53
CA PHE D 64 -18.45 -37.19 5.46
C PHE D 64 -17.35 -36.13 5.57
N SER D 65 -16.66 -35.89 4.47
CA SER D 65 -15.60 -34.88 4.43
C SER D 65 -15.64 -34.18 3.08
N GLY D 66 -14.86 -33.12 2.97
CA GLY D 66 -14.77 -32.37 1.74
C GLY D 66 -13.36 -31.86 1.51
N SER D 67 -13.00 -31.74 0.24
CA SER D 67 -11.68 -31.28 -0.15
C SER D 67 -11.81 -30.46 -1.42
N ARG D 68 -10.87 -29.55 -1.63
CA ARG D 68 -10.85 -28.71 -2.83
C ARG D 68 -9.44 -28.59 -3.35
N SER D 69 -9.31 -28.50 -4.68
CA SER D 69 -8.01 -28.35 -5.32
C SER D 69 -8.27 -27.72 -6.69
N GLY D 70 -8.26 -26.41 -6.73
CA GLY D 70 -8.39 -25.69 -8.00
C GLY D 70 -9.85 -25.43 -8.34
N THR D 71 -10.27 -25.91 -9.52
CA THR D 71 -11.64 -25.71 -10.00
C THR D 71 -12.49 -26.95 -9.81
N SER D 72 -12.23 -27.73 -8.75
CA SER D 72 -13.00 -28.93 -8.46
C SER D 72 -13.26 -29.02 -6.97
N ALA D 73 -14.18 -29.91 -6.60
CA ALA D 73 -14.56 -30.09 -5.21
C ALA D 73 -15.06 -31.51 -5.04
N SER D 74 -14.78 -32.10 -3.88
CA SER D 74 -15.00 -33.52 -3.66
C SER D 74 -15.71 -33.74 -2.34
N LEU D 75 -16.79 -34.52 -2.39
CA LEU D 75 -17.45 -35.03 -1.19
C LEU D 75 -17.04 -36.49 -1.04
N VAL D 76 -16.55 -36.85 0.13
CA VAL D 76 -16.06 -38.19 0.39
C VAL D 76 -16.86 -38.82 1.51
N ILE D 77 -17.21 -40.09 1.32
CA ILE D 77 -17.83 -40.90 2.34
C ILE D 77 -16.91 -42.08 2.60
N THR D 78 -16.23 -42.07 3.73
CA THR D 78 -15.23 -43.11 4.00
C THR D 78 -15.91 -44.44 4.29
N GLY D 79 -16.56 -44.56 5.44
CA GLY D 79 -17.17 -45.84 5.77
C GLY D 79 -18.59 -45.94 5.25
N LEU D 80 -18.73 -46.23 3.96
CA LEU D 80 -20.04 -46.19 3.32
C LEU D 80 -21.02 -47.12 4.02
N GLN D 81 -22.20 -46.60 4.33
CA GLN D 81 -23.28 -47.36 4.94
C GLN D 81 -24.53 -47.28 4.07
N ALA D 82 -25.46 -48.20 4.34
CA ALA D 82 -26.74 -48.20 3.62
C ALA D 82 -27.57 -46.95 3.89
N ASP D 83 -27.26 -46.22 4.97
CA ASP D 83 -28.01 -45.00 5.27
C ASP D 83 -27.61 -43.85 4.36
N ASP D 84 -26.70 -44.10 3.42
CA ASP D 84 -26.17 -43.08 2.53
C ASP D 84 -26.79 -43.13 1.14
N GLU D 85 -27.75 -44.01 0.91
CA GLU D 85 -28.41 -44.03 -0.38
C GLU D 85 -29.23 -42.75 -0.55
N ALA D 86 -28.75 -41.83 -1.38
CA ALA D 86 -29.47 -40.56 -1.52
C ALA D 86 -28.95 -39.78 -2.72
N ASP D 87 -29.55 -38.61 -2.94
CA ASP D 87 -29.05 -37.61 -3.88
C ASP D 87 -28.07 -36.66 -3.20
N TYR D 88 -27.04 -36.27 -3.92
CA TYR D 88 -26.07 -35.33 -3.39
C TYR D 88 -25.88 -34.21 -4.38
N TYR D 89 -26.10 -32.99 -3.92
CA TYR D 89 -25.92 -31.80 -4.73
C TYR D 89 -24.84 -30.92 -4.11
N CYS D 90 -24.06 -30.26 -4.94
CA CYS D 90 -23.11 -29.25 -4.50
C CYS D 90 -23.67 -27.87 -4.82
N GLN D 91 -23.26 -26.87 -4.04
CA GLN D 91 -23.77 -25.53 -4.25
C GLN D 91 -22.68 -24.52 -3.97
N SER D 92 -22.59 -23.52 -4.84
CA SER D 92 -21.63 -22.44 -4.78
C SER D 92 -22.25 -21.21 -5.44
N TYR D 93 -21.47 -20.15 -5.61
CA TYR D 93 -21.91 -18.90 -6.22
C TYR D 93 -21.30 -18.74 -7.59
N ASP D 94 -22.05 -18.14 -8.51
CA ASP D 94 -21.55 -17.83 -9.85
C ASP D 94 -21.61 -16.32 -10.05
N SER D 95 -20.58 -15.74 -10.67
CA SER D 95 -20.51 -14.29 -10.86
C SER D 95 -21.35 -13.85 -12.04
N SER D 96 -21.33 -14.63 -13.11
CA SER D 96 -22.15 -14.34 -14.27
C SER D 96 -23.63 -14.43 -13.92
N LEU D 97 -23.99 -15.44 -13.12
CA LEU D 97 -25.39 -15.55 -12.66
C LEU D 97 -25.71 -14.52 -11.59
N THR D 98 -24.69 -13.93 -10.96
CA THR D 98 -24.90 -13.03 -9.83
C THR D 98 -25.78 -13.70 -8.77
N GLY D 99 -25.62 -15.01 -8.61
CA GLY D 99 -26.38 -15.73 -7.59
C GLY D 99 -25.84 -17.12 -7.33
N SER D 100 -26.45 -17.76 -6.34
CA SER D 100 -26.12 -19.13 -5.98
C SER D 100 -26.50 -20.09 -7.10
N LEU D 101 -25.83 -21.24 -7.11
CA LEU D 101 -25.93 -22.21 -8.20
C LEU D 101 -25.79 -23.60 -7.60
N PHE D 102 -26.60 -24.52 -8.10
CA PHE D 102 -26.53 -25.92 -7.69
C PHE D 102 -25.94 -26.77 -8.80
N GLY D 103 -25.70 -28.04 -8.48
CA GLY D 103 -25.23 -29.00 -9.44
C GLY D 103 -26.32 -29.93 -9.93
N GLY D 104 -25.89 -30.88 -10.76
CA GLY D 104 -26.83 -31.82 -11.33
C GLY D 104 -27.29 -32.86 -10.32
N GLY D 105 -26.47 -33.14 -9.31
CA GLY D 105 -26.77 -34.18 -8.36
C GLY D 105 -26.10 -35.50 -8.72
N THR D 106 -25.99 -36.37 -7.72
CA THR D 106 -25.47 -37.72 -7.93
C THR D 106 -26.25 -38.68 -7.04
N LYS D 107 -26.74 -39.77 -7.62
CA LYS D 107 -27.44 -40.76 -6.83
C LYS D 107 -26.43 -41.82 -6.40
N LEU D 108 -26.32 -42.03 -5.09
CA LEU D 108 -25.34 -42.97 -4.53
C LEU D 108 -26.05 -44.28 -4.16
N THR D 109 -25.78 -45.32 -4.96
CA THR D 109 -26.43 -46.62 -4.74
C THR D 109 -25.46 -47.52 -3.98
N VAL D 110 -25.76 -47.78 -2.70
CA VAL D 110 -24.94 -48.70 -1.89
C VAL D 110 -25.17 -50.13 -2.40
N LEU D 111 -24.15 -50.72 -3.05
CA LEU D 111 -24.29 -52.02 -3.71
C LEU D 111 -24.10 -53.13 -2.69
N GLY D 112 -24.95 -53.16 -1.63
CA GLY D 112 -24.89 -54.22 -0.66
C GLY D 112 -26.27 -54.69 -0.32
N GLN D 113 -26.93 -55.40 -1.23
CA GLN D 113 -28.31 -55.83 -1.00
C GLN D 113 -28.56 -57.19 -1.59
N PRO D 114 -29.52 -57.97 -1.04
CA PRO D 114 -29.79 -59.31 -1.61
C PRO D 114 -30.51 -59.17 -2.93
N LYS D 115 -29.89 -59.70 -3.98
CA LYS D 115 -30.54 -59.65 -5.30
C LYS D 115 -31.81 -60.48 -5.22
N ALA D 116 -32.92 -59.94 -5.78
CA ALA D 116 -34.20 -60.61 -5.62
C ALA D 116 -34.89 -60.71 -6.96
N ALA D 117 -35.65 -61.82 -7.18
CA ALA D 117 -36.36 -62.00 -8.43
C ALA D 117 -37.78 -61.46 -8.31
N PRO D 118 -38.36 -60.93 -9.39
CA PRO D 118 -39.67 -60.27 -9.30
C PRO D 118 -40.84 -61.24 -9.18
N SER D 119 -41.90 -60.72 -8.55
CA SER D 119 -43.15 -61.45 -8.39
C SER D 119 -44.19 -60.81 -9.30
N VAL D 120 -44.39 -61.40 -10.47
CA VAL D 120 -45.28 -60.82 -11.48
C VAL D 120 -46.67 -61.42 -11.33
N THR D 121 -47.69 -60.56 -11.34
CA THR D 121 -49.08 -60.97 -11.23
C THR D 121 -49.90 -60.18 -12.25
N LEU D 122 -50.64 -60.91 -13.09
CA LEU D 122 -51.41 -60.33 -14.18
C LEU D 122 -52.91 -60.53 -13.92
N PHE D 123 -53.69 -59.50 -14.21
CA PHE D 123 -55.13 -59.50 -14.03
C PHE D 123 -55.80 -59.16 -15.35
N PRO D 124 -56.84 -59.89 -15.75
CA PRO D 124 -57.54 -59.56 -17.00
C PRO D 124 -58.67 -58.56 -16.77
N PRO D 125 -59.12 -57.87 -17.81
CA PRO D 125 -60.17 -56.86 -17.63
C PRO D 125 -61.39 -57.47 -16.98
N SER D 126 -61.83 -56.90 -15.86
CA SER D 126 -63.00 -57.41 -15.18
C SER D 126 -64.25 -57.28 -16.06
N SER D 127 -65.25 -58.12 -15.78
CA SER D 127 -66.50 -58.06 -16.52
C SER D 127 -67.25 -56.78 -16.23
N GLU D 128 -67.03 -56.17 -15.07
CA GLU D 128 -67.68 -54.90 -14.76
C GLU D 128 -67.11 -53.78 -15.60
N GLU D 129 -65.79 -53.81 -15.84
CA GLU D 129 -65.18 -52.75 -16.64
C GLU D 129 -65.58 -52.86 -18.10
N LEU D 130 -65.62 -54.08 -18.64
CA LEU D 130 -65.95 -54.24 -20.05
C LEU D 130 -67.30 -53.63 -20.37
N GLN D 131 -68.21 -53.61 -19.40
CA GLN D 131 -69.50 -52.96 -19.63
C GLN D 131 -69.32 -51.45 -19.83
N ALA D 132 -68.25 -50.89 -19.26
CA ALA D 132 -67.94 -49.48 -19.44
C ALA D 132 -67.24 -49.19 -20.76
N ASN D 133 -67.18 -50.16 -21.67
CA ASN D 133 -66.52 -49.97 -22.96
C ASN D 133 -65.02 -49.71 -22.79
N LYS D 134 -64.42 -50.42 -21.84
CA LYS D 134 -63.02 -50.25 -21.51
C LYS D 134 -62.44 -51.57 -21.01
N ALA D 135 -61.18 -51.80 -21.33
CA ALA D 135 -60.48 -53.02 -20.95
C ALA D 135 -59.06 -52.66 -20.55
N THR D 136 -58.65 -53.11 -19.35
CA THR D 136 -57.35 -52.76 -18.80
C THR D 136 -56.69 -53.99 -18.21
N LEU D 137 -55.49 -54.32 -18.70
CA LEU D 137 -54.67 -55.38 -18.14
C LEU D 137 -53.71 -54.77 -17.12
N VAL D 138 -53.47 -55.49 -16.03
CA VAL D 138 -52.69 -54.98 -14.91
C VAL D 138 -51.57 -55.96 -14.59
N CYS D 139 -50.32 -55.51 -14.69
CA CYS D 139 -49.14 -56.34 -14.46
C CYS D 139 -48.38 -55.80 -13.25
N LEU D 140 -48.52 -56.49 -12.12
CA LEU D 140 -47.89 -56.07 -10.88
C LEU D 140 -46.56 -56.78 -10.70
N ILE D 141 -45.53 -56.01 -10.39
CA ILE D 141 -44.16 -56.50 -10.23
C ILE D 141 -43.68 -56.02 -8.87
N SER D 142 -43.26 -56.95 -8.03
CA SER D 142 -42.83 -56.63 -6.68
C SER D 142 -41.66 -57.50 -6.26
N ASP D 143 -40.98 -57.05 -5.20
CA ASP D 143 -39.88 -57.80 -4.57
C ASP D 143 -38.77 -58.12 -5.55
N PHE D 144 -38.37 -57.14 -6.35
CA PHE D 144 -37.27 -57.31 -7.29
C PHE D 144 -36.17 -56.31 -7.01
N TYR D 145 -34.95 -56.81 -6.86
CA TYR D 145 -33.75 -55.99 -6.77
C TYR D 145 -32.65 -56.57 -7.65
N PRO D 146 -31.92 -55.75 -8.40
CA PRO D 146 -31.98 -54.27 -8.41
C PRO D 146 -33.30 -53.75 -8.95
N GLY D 147 -33.50 -52.44 -8.94
CA GLY D 147 -34.82 -51.91 -9.26
C GLY D 147 -35.11 -51.74 -10.74
N ALA D 148 -34.08 -51.91 -11.58
CA ALA D 148 -34.27 -51.70 -13.01
C ALA D 148 -34.93 -52.93 -13.61
N VAL D 149 -36.02 -52.72 -14.34
CA VAL D 149 -36.80 -53.78 -14.96
C VAL D 149 -37.37 -53.27 -16.28
N THR D 150 -37.61 -54.19 -17.22
CA THR D 150 -38.22 -53.89 -18.50
C THR D 150 -39.48 -54.73 -18.69
N VAL D 151 -40.51 -54.11 -19.25
CA VAL D 151 -41.81 -54.75 -19.44
C VAL D 151 -42.14 -54.84 -20.93
N ALA D 152 -42.47 -56.05 -21.38
CA ALA D 152 -42.88 -56.29 -22.77
C ALA D 152 -44.22 -57.02 -22.76
N TRP D 153 -45.21 -56.46 -23.43
CA TRP D 153 -46.50 -57.11 -23.59
C TRP D 153 -46.56 -57.79 -24.95
N LYS D 154 -47.32 -58.88 -25.03
CA LYS D 154 -47.46 -59.62 -26.28
C LYS D 154 -48.87 -60.20 -26.38
N ALA D 155 -49.48 -60.01 -27.55
CA ALA D 155 -50.77 -60.60 -27.90
C ALA D 155 -50.56 -61.69 -28.95
N ASP D 156 -50.87 -62.94 -28.57
CA ASP D 156 -50.65 -64.08 -29.46
C ASP D 156 -49.18 -64.22 -29.84
N SER D 157 -48.29 -63.94 -28.89
CA SER D 157 -46.84 -64.02 -29.06
C SER D 157 -46.30 -62.89 -29.91
N SER D 158 -47.13 -61.94 -30.35
CA SER D 158 -46.71 -60.81 -31.16
C SER D 158 -46.41 -59.60 -30.29
N PRO D 159 -45.34 -58.85 -30.57
CA PRO D 159 -45.03 -57.68 -29.74
C PRO D 159 -46.10 -56.61 -29.83
N VAL D 160 -46.28 -55.88 -28.72
CA VAL D 160 -47.23 -54.79 -28.64
C VAL D 160 -46.69 -53.55 -29.34
N LYS D 161 -47.55 -52.53 -29.48
CA LYS D 161 -47.18 -51.34 -30.24
C LYS D 161 -47.61 -50.08 -29.49
N ALA D 162 -48.92 -49.92 -29.29
CA ALA D 162 -49.48 -48.74 -28.65
C ALA D 162 -50.25 -49.15 -27.39
N GLY D 163 -50.47 -48.17 -26.52
CA GLY D 163 -51.31 -48.36 -25.36
C GLY D 163 -50.69 -48.94 -24.12
N VAL D 164 -49.36 -48.89 -23.98
CA VAL D 164 -48.68 -49.49 -22.84
C VAL D 164 -48.12 -48.36 -21.97
N GLU D 165 -48.31 -48.48 -20.65
CA GLU D 165 -47.76 -47.52 -19.69
C GLU D 165 -47.24 -48.27 -18.48
N THR D 166 -45.99 -47.98 -18.09
CA THR D 166 -45.34 -48.63 -16.95
C THR D 166 -44.84 -47.57 -15.96
N THR D 167 -44.90 -47.89 -14.68
CA THR D 167 -44.45 -46.95 -13.66
C THR D 167 -42.95 -47.08 -13.43
N THR D 168 -42.43 -46.16 -12.70
CA THR D 168 -41.01 -46.21 -12.37
C THR D 168 -40.80 -47.06 -11.12
N PRO D 169 -39.84 -47.98 -11.13
CA PRO D 169 -39.62 -48.81 -9.93
C PRO D 169 -39.32 -47.93 -8.72
N SER D 170 -40.10 -48.14 -7.67
CA SER D 170 -39.97 -47.40 -6.41
C SER D 170 -39.75 -48.40 -5.28
N LYS D 171 -38.83 -48.07 -4.38
CA LYS D 171 -38.51 -49.00 -3.30
C LYS D 171 -39.73 -49.22 -2.43
N GLN D 172 -39.90 -50.46 -1.98
CA GLN D 172 -40.97 -50.79 -1.06
C GLN D 172 -40.46 -50.63 0.36
N SER D 173 -41.27 -51.07 1.33
CA SER D 173 -40.87 -50.99 2.73
C SER D 173 -39.70 -51.92 3.05
N ASN D 174 -39.56 -53.00 2.28
CA ASN D 174 -38.53 -54.01 2.54
C ASN D 174 -37.26 -53.79 1.74
N ASN D 175 -37.03 -52.58 1.24
CA ASN D 175 -35.86 -52.22 0.45
C ASN D 175 -35.85 -52.84 -0.95
N LYS D 176 -36.81 -53.67 -1.32
CA LYS D 176 -36.97 -54.10 -2.70
C LYS D 176 -37.82 -53.08 -3.45
N TYR D 177 -38.05 -53.34 -4.74
CA TYR D 177 -38.71 -52.39 -5.63
C TYR D 177 -40.02 -52.95 -6.17
N ALA D 178 -40.92 -52.05 -6.53
CA ALA D 178 -42.23 -52.41 -7.06
C ALA D 178 -42.58 -51.50 -8.24
N ALA D 179 -43.12 -52.10 -9.30
CA ALA D 179 -43.54 -51.36 -10.47
C ALA D 179 -44.83 -51.96 -11.01
N SER D 180 -45.54 -51.17 -11.82
CA SER D 180 -46.85 -51.53 -12.34
C SER D 180 -46.88 -51.26 -13.84
N SER D 181 -47.56 -52.10 -14.59
CA SER D 181 -47.73 -51.88 -16.02
C SER D 181 -49.19 -52.09 -16.43
N TYR D 182 -49.71 -51.17 -17.23
CA TYR D 182 -51.10 -51.18 -17.61
C TYR D 182 -51.22 -51.15 -19.13
N LEU D 183 -51.89 -52.15 -19.68
CA LEU D 183 -52.19 -52.17 -21.11
C LEU D 183 -53.68 -51.86 -21.25
N SER D 184 -53.98 -50.64 -21.70
CA SER D 184 -55.36 -50.22 -21.92
C SER D 184 -55.79 -50.64 -23.32
N LEU D 185 -56.92 -51.33 -23.41
CA LEU D 185 -57.43 -51.90 -24.65
C LEU D 185 -58.91 -51.58 -24.79
N THR D 186 -59.41 -51.75 -26.02
CA THR D 186 -60.84 -51.72 -26.28
C THR D 186 -61.41 -53.12 -26.01
N PRO D 187 -62.69 -53.19 -25.61
CA PRO D 187 -63.29 -54.52 -25.37
C PRO D 187 -63.15 -55.46 -26.54
N GLU D 188 -63.21 -54.95 -27.77
CA GLU D 188 -63.09 -55.79 -28.94
C GLU D 188 -61.70 -56.40 -29.05
N GLN D 189 -60.65 -55.62 -28.72
CA GLN D 189 -59.29 -56.17 -28.79
C GLN D 189 -59.05 -57.22 -27.72
N TRP D 190 -59.64 -57.05 -26.54
CA TRP D 190 -59.40 -58.00 -25.45
C TRP D 190 -59.88 -59.39 -25.82
N LYS D 191 -61.10 -59.50 -26.32
CA LYS D 191 -61.66 -60.81 -26.66
C LYS D 191 -61.16 -61.33 -28.01
N SER D 192 -60.66 -60.45 -28.89
CA SER D 192 -60.22 -60.90 -30.20
C SER D 192 -59.00 -61.79 -30.07
N HIS D 193 -57.97 -61.33 -29.39
CA HIS D 193 -56.77 -62.13 -29.21
C HIS D 193 -57.04 -63.23 -28.19
N ARG D 194 -56.45 -64.39 -28.43
CA ARG D 194 -56.67 -65.54 -27.56
C ARG D 194 -55.89 -65.45 -26.26
N SER D 195 -54.79 -64.70 -26.23
CA SER D 195 -53.97 -64.60 -25.03
C SER D 195 -53.18 -63.31 -25.04
N TYR D 196 -53.21 -62.59 -23.92
CA TYR D 196 -52.39 -61.41 -23.69
C TYR D 196 -51.37 -61.76 -22.61
N SER D 197 -50.11 -61.38 -22.83
CA SER D 197 -49.02 -61.77 -21.96
C SER D 197 -48.19 -60.57 -21.54
N CYS D 198 -47.82 -60.55 -20.26
CA CYS D 198 -46.91 -59.55 -19.71
C CYS D 198 -45.59 -60.25 -19.41
N GLN D 199 -44.50 -59.70 -19.91
CA GLN D 199 -43.17 -60.31 -19.81
C GLN D 199 -42.23 -59.32 -19.15
N VAL D 200 -41.55 -59.74 -18.09
CA VAL D 200 -40.73 -58.85 -17.28
C VAL D 200 -39.32 -59.44 -17.17
N THR D 201 -38.35 -58.78 -17.80
CA THR D 201 -36.96 -59.18 -17.73
C THR D 201 -36.26 -58.37 -16.63
N HIS D 202 -35.44 -59.07 -15.83
CA HIS D 202 -34.75 -58.44 -14.71
C HIS D 202 -33.48 -59.22 -14.42
N GLU D 203 -32.34 -58.61 -14.74
CA GLU D 203 -31.04 -59.22 -14.54
C GLU D 203 -30.99 -60.59 -15.22
N GLY D 204 -31.28 -60.57 -16.50
CA GLY D 204 -31.31 -61.79 -17.30
C GLY D 204 -32.54 -62.62 -17.11
N SER D 205 -32.93 -62.88 -15.86
CA SER D 205 -34.17 -63.62 -15.61
C SER D 205 -35.33 -62.86 -16.20
N THR D 206 -36.16 -63.56 -16.96
CA THR D 206 -37.34 -62.98 -17.59
C THR D 206 -38.53 -63.84 -17.20
N VAL D 207 -39.56 -63.20 -16.66
CA VAL D 207 -40.75 -63.89 -16.16
C VAL D 207 -41.94 -63.46 -17.01
N GLU D 208 -42.87 -64.39 -17.20
CA GLU D 208 -44.04 -64.16 -18.03
C GLU D 208 -45.30 -64.67 -17.35
N LYS D 209 -46.37 -63.89 -17.47
CA LYS D 209 -47.71 -64.29 -17.09
C LYS D 209 -48.61 -64.07 -18.29
N THR D 210 -49.68 -64.86 -18.37
CA THR D 210 -50.58 -64.80 -19.52
C THR D 210 -52.02 -64.99 -19.05
N VAL D 211 -52.92 -64.22 -19.64
CA VAL D 211 -54.35 -64.31 -19.39
C VAL D 211 -55.08 -64.53 -20.71
N ALA D 212 -56.31 -65.03 -20.61
CA ALA D 212 -57.12 -65.32 -21.78
C ALA D 212 -58.55 -64.82 -21.56
N PRO D 213 -59.21 -64.36 -22.61
CA PRO D 213 -60.61 -63.93 -22.46
C PRO D 213 -61.53 -65.03 -21.94
N THR D 214 -61.15 -66.29 -22.08
CA THR D 214 -62.02 -67.40 -21.67
C THR D 214 -61.93 -67.65 -20.16
N GLN E 3 35.70 23.39 21.39
CA GLN E 3 34.87 22.19 21.46
C GLN E 3 35.65 20.91 21.02
N LEU E 4 36.69 21.08 20.22
CA LEU E 4 37.64 20.02 19.85
C LEU E 4 39.02 20.66 19.78
N VAL E 5 40.05 19.86 20.02
CA VAL E 5 41.42 20.38 20.07
C VAL E 5 42.16 20.00 18.80
N GLN E 6 42.56 21.00 18.03
CA GLN E 6 43.27 20.76 16.79
C GLN E 6 44.77 20.93 17.04
N SER E 7 45.57 20.87 15.99
CA SER E 7 47.00 21.07 16.15
C SER E 7 47.31 22.56 16.24
N GLY E 8 48.60 22.90 16.31
CA GLY E 8 49.01 24.28 16.34
C GLY E 8 49.02 24.91 14.95
N ALA E 9 49.46 26.17 14.91
CA ALA E 9 49.61 26.86 13.63
C ALA E 9 50.66 26.16 12.78
N GLU E 10 50.54 26.33 11.46
CA GLU E 10 51.46 25.70 10.53
C GLU E 10 51.67 26.59 9.31
N VAL E 11 52.93 26.66 8.86
CA VAL E 11 53.29 27.36 7.64
C VAL E 11 54.01 26.37 6.74
N LYS E 12 53.60 26.31 5.47
CA LYS E 12 54.12 25.34 4.53
C LYS E 12 54.45 26.01 3.20
N LYS E 13 55.39 25.38 2.46
CA LYS E 13 55.86 25.88 1.19
C LYS E 13 54.99 25.36 0.06
N PRO E 14 54.87 26.10 -1.04
CA PRO E 14 54.08 25.60 -2.17
C PRO E 14 54.61 24.26 -2.67
N GLY E 15 53.69 23.32 -2.88
CA GLY E 15 54.03 21.98 -3.32
C GLY E 15 54.21 20.98 -2.21
N SER E 16 54.21 21.44 -0.96
CA SER E 16 54.45 20.61 0.21
C SER E 16 53.16 19.90 0.63
N SER E 17 53.27 19.13 1.71
CA SER E 17 52.15 18.46 2.33
C SER E 17 52.06 18.93 3.77
N VAL E 18 50.86 18.89 4.31
CA VAL E 18 50.57 19.33 5.67
C VAL E 18 49.69 18.26 6.33
N LYS E 19 49.91 18.03 7.62
CA LYS E 19 49.13 17.07 8.40
C LYS E 19 48.57 17.75 9.64
N VAL E 20 47.27 17.56 9.90
CA VAL E 20 46.56 18.24 10.99
C VAL E 20 45.99 17.19 11.92
N SER E 21 45.63 17.62 13.13
CA SER E 21 45.10 16.73 14.13
C SER E 21 43.80 17.31 14.69
N CYS E 22 42.94 16.39 15.14
CA CYS E 22 41.67 16.72 15.77
C CYS E 22 41.58 15.75 16.95
N LYS E 23 41.44 16.28 18.17
CA LYS E 23 41.49 15.47 19.38
C LYS E 23 40.30 15.76 20.29
N ALA E 24 40.27 15.22 21.52
CA ALA E 24 39.04 15.15 22.29
C ALA E 24 38.81 16.42 23.11
N SER E 25 37.61 17.01 22.92
CA SER E 25 37.10 18.16 23.65
C SER E 25 35.58 18.23 23.45
N GLY E 26 34.94 19.09 24.24
CA GLY E 26 33.51 19.31 24.11
C GLY E 26 32.62 18.31 24.82
N GLY E 27 33.18 17.30 25.49
CA GLY E 27 32.38 16.42 26.32
C GLY E 27 31.84 15.17 25.65
N THR E 28 31.93 15.07 24.32
CA THR E 28 31.51 13.88 23.58
C THR E 28 32.65 13.58 22.61
N PHE E 29 33.02 12.28 22.49
CA PHE E 29 34.19 11.95 21.67
C PHE E 29 34.11 10.64 20.91
N SER E 30 32.91 10.19 20.48
CA SER E 30 32.87 8.81 19.99
C SER E 30 31.99 8.40 18.81
N SER E 31 30.69 8.66 18.83
CA SER E 31 29.85 8.08 17.79
C SER E 31 29.49 9.02 16.64
N TYR E 32 30.00 10.24 16.59
CA TYR E 32 29.68 11.15 15.50
C TYR E 32 30.84 11.19 14.52
N THR E 33 30.51 11.25 13.23
CA THR E 33 31.50 11.44 12.17
C THR E 33 32.09 12.86 12.22
N ILE E 34 33.25 13.01 11.58
CA ILE E 34 34.03 14.25 11.62
C ILE E 34 34.11 14.89 10.24
N SER E 35 33.82 16.20 10.19
CA SER E 35 33.92 17.00 8.97
C SER E 35 35.11 17.92 9.02
N TRP E 36 35.58 18.33 7.84
CA TRP E 36 36.66 19.29 7.67
C TRP E 36 36.14 20.44 6.83
N VAL E 37 36.12 21.64 7.42
CA VAL E 37 35.63 22.85 6.79
C VAL E 37 36.74 23.89 6.80
N ARG E 38 36.84 24.66 5.71
CA ARG E 38 37.90 25.63 5.50
C ARG E 38 37.30 27.01 5.38
N GLN E 39 37.91 27.97 6.07
CA GLN E 39 37.50 29.35 6.01
C GLN E 39 38.69 30.17 5.54
N ALA E 40 38.75 30.42 4.24
CA ALA E 40 39.81 31.23 3.68
C ALA E 40 39.79 32.62 4.32
N PRO E 41 40.84 33.39 4.16
CA PRO E 41 40.85 34.74 4.74
C PRO E 41 39.81 35.64 4.12
N GLY E 42 38.82 36.04 4.92
CA GLY E 42 37.71 36.88 4.47
C GLY E 42 36.69 36.20 3.59
N GLN E 43 36.59 34.87 3.63
CA GLN E 43 35.73 34.12 2.74
C GLN E 43 34.88 33.19 3.57
N GLY E 44 33.85 32.65 2.93
CA GLY E 44 32.89 31.78 3.57
C GLY E 44 33.49 30.42 3.87
N LEU E 45 32.65 29.59 4.49
CA LEU E 45 32.97 28.21 4.85
C LEU E 45 32.54 27.24 3.75
N GLU E 46 33.37 26.21 3.53
CA GLU E 46 33.12 25.15 2.56
C GLU E 46 33.45 23.79 3.19
N CYS E 47 32.51 22.85 3.11
CA CYS E 47 32.74 21.52 3.67
C CYS E 47 33.56 20.73 2.67
N MET E 48 34.73 20.24 3.11
CA MET E 48 35.64 19.57 2.20
C MET E 48 35.65 18.05 2.33
N GLY E 49 35.33 17.51 3.50
CA GLY E 49 35.53 16.08 3.74
C GLY E 49 34.79 15.59 4.97
N ARG E 50 34.67 14.27 5.03
CA ARG E 50 34.03 13.62 6.17
C ARG E 50 34.71 12.28 6.38
N ILE E 51 34.73 11.83 7.62
CA ILE E 51 35.18 10.48 7.96
C ILE E 51 34.31 9.93 9.08
N ILE E 52 33.90 8.67 8.94
CA ILE E 52 33.19 7.97 10.00
C ILE E 52 34.26 7.18 10.79
N PRO E 53 34.62 7.61 11.98
CA PRO E 53 35.72 6.92 12.67
C PRO E 53 35.46 5.45 12.84
N ILE E 54 34.25 5.06 13.23
CA ILE E 54 34.02 3.67 13.55
C ILE E 54 34.07 2.81 12.30
N LEU E 55 33.63 3.34 11.16
CA LEU E 55 33.63 2.56 9.94
C LEU E 55 34.81 2.85 9.02
N GLY E 56 35.49 3.98 9.17
CA GLY E 56 36.59 4.29 8.28
C GLY E 56 36.24 4.45 6.82
N ILE E 57 35.39 5.42 6.51
CA ILE E 57 34.86 5.61 5.16
C ILE E 57 35.20 7.01 4.67
N ALA E 58 35.54 7.10 3.39
CA ALA E 58 36.06 8.34 2.82
C ALA E 58 34.95 9.01 2.02
N ASN E 59 34.54 10.18 2.50
CA ASN E 59 33.61 11.05 1.80
C ASN E 59 34.28 12.41 1.71
N TYR E 60 34.55 12.87 0.50
CA TYR E 60 35.25 14.13 0.26
C TYR E 60 34.40 14.95 -0.70
N ALA E 61 34.44 16.25 -0.56
CA ALA E 61 33.66 17.09 -1.46
C ALA E 61 34.25 16.98 -2.85
N GLN E 62 33.40 17.23 -3.85
CA GLN E 62 33.83 17.04 -5.23
C GLN E 62 34.94 18.01 -5.59
N LYS E 63 34.81 19.26 -5.13
CA LYS E 63 35.78 20.29 -5.51
C LYS E 63 37.17 20.03 -4.92
N PHE E 64 37.23 19.44 -3.72
CA PHE E 64 38.49 18.88 -3.19
C PHE E 64 38.52 17.39 -3.50
N GLN E 65 39.23 17.02 -4.57
CA GLN E 65 39.42 15.62 -4.95
C GLN E 65 40.91 15.30 -5.04
N GLY E 66 41.30 14.20 -4.42
CA GLY E 66 42.65 13.66 -4.53
C GLY E 66 43.70 14.38 -3.73
N ARG E 67 43.71 15.72 -3.77
CA ARG E 67 44.69 16.45 -2.97
C ARG E 67 44.47 16.17 -1.48
N VAL E 68 43.19 16.16 -1.07
CA VAL E 68 42.81 16.01 0.33
C VAL E 68 42.43 14.56 0.62
N THR E 69 42.97 14.03 1.73
CA THR E 69 42.62 12.69 2.21
C THR E 69 42.47 12.73 3.72
N ILE E 70 41.35 12.19 4.25
CA ILE E 70 41.05 12.28 5.68
C ILE E 70 41.05 10.87 6.20
N THR E 71 41.72 10.67 7.35
CA THR E 71 41.90 9.35 7.94
C THR E 71 41.68 9.49 9.44
N ALA E 72 41.69 8.37 10.15
CA ALA E 72 41.54 8.39 11.59
C ALA E 72 41.95 7.09 12.28
N ASP E 73 42.50 7.20 13.49
CA ASP E 73 42.82 6.04 14.31
C ASP E 73 41.80 5.95 15.44
N LYS E 74 41.18 4.78 15.56
CA LYS E 74 40.27 4.56 16.67
C LYS E 74 41.04 4.36 17.97
N SER E 75 42.15 3.60 17.92
CA SER E 75 42.98 3.42 19.09
C SER E 75 43.43 4.77 19.66
N THR E 76 44.07 5.60 18.82
CA THR E 76 44.64 6.86 19.30
C THR E 76 43.56 7.83 19.81
N SER E 77 42.34 7.78 19.22
CA SER E 77 41.20 8.65 19.56
C SER E 77 41.29 9.94 18.79
N ILE E 78 42.17 9.99 17.82
CA ILE E 78 42.44 11.21 17.08
C ILE E 78 42.04 10.98 15.63
N ALA E 79 41.73 12.07 14.96
CA ALA E 79 41.44 12.09 13.54
C ALA E 79 42.34 13.11 12.86
N TYR E 80 42.65 12.87 11.59
CA TYR E 80 43.70 13.65 10.94
C TYR E 80 43.26 13.86 9.51
N MET E 81 43.79 14.90 8.92
CA MET E 81 43.53 15.24 7.54
C MET E 81 44.85 15.66 6.90
N GLU E 82 44.96 15.40 5.59
CA GLU E 82 46.18 15.70 4.87
C GLU E 82 45.84 16.31 3.53
N VAL E 83 46.67 17.27 3.11
CA VAL E 83 46.56 17.91 1.81
C VAL E 83 47.91 17.85 1.13
N SER E 84 47.91 17.62 -0.17
CA SER E 84 49.12 17.52 -0.97
C SER E 84 49.08 18.57 -2.05
N SER E 85 50.25 18.85 -2.64
CA SER E 85 50.34 19.82 -3.72
C SER E 85 49.75 21.16 -3.30
N LEU E 86 50.23 21.69 -2.17
CA LEU E 86 49.71 22.95 -1.67
C LEU E 86 49.94 24.05 -2.68
N ARG E 87 48.99 25.00 -2.77
CA ARG E 87 49.02 26.07 -3.76
C ARG E 87 48.47 27.31 -3.08
N SER E 88 48.38 28.40 -3.84
CA SER E 88 47.94 29.66 -3.25
C SER E 88 46.51 29.58 -2.73
N GLU E 89 45.62 29.00 -3.52
CA GLU E 89 44.22 28.93 -3.10
C GLU E 89 44.07 28.24 -1.75
N ASP E 90 44.94 27.27 -1.45
CA ASP E 90 44.71 26.37 -0.33
C ASP E 90 44.88 27.04 1.02
N THR E 91 45.63 28.13 1.11
CA THR E 91 45.85 28.78 2.40
C THR E 91 44.54 29.34 2.98
N ALA E 92 44.24 28.88 4.18
CA ALA E 92 43.00 29.19 4.88
C ALA E 92 43.16 28.71 6.33
N VAL E 93 42.16 28.96 7.15
CA VAL E 93 42.05 28.30 8.45
C VAL E 93 41.19 27.06 8.26
N TYR E 94 41.66 25.92 8.78
CA TYR E 94 40.93 24.65 8.69
C TYR E 94 40.29 24.21 10.01
N TYR E 95 39.00 23.83 9.93
CA TYR E 95 38.21 23.41 11.08
C TYR E 95 37.81 21.93 10.99
N CYS E 96 37.88 21.24 12.13
CA CYS E 96 37.29 19.92 12.30
C CYS E 96 36.10 20.06 13.25
N ALA E 97 34.97 19.48 12.87
CA ALA E 97 33.75 19.61 13.63
C ALA E 97 33.02 18.27 13.63
N THR E 98 32.28 18.03 14.73
CA THR E 98 31.50 16.81 14.89
C THR E 98 30.14 17.04 14.26
N GLU E 99 29.74 16.15 13.38
CA GLU E 99 28.41 16.18 12.81
C GLU E 99 27.42 15.56 13.77
N VAL E 100 26.16 15.98 13.66
CA VAL E 100 25.07 15.37 14.39
C VAL E 100 23.92 15.14 13.43
N GLY E 101 23.33 13.96 13.49
CA GLY E 101 22.21 13.60 12.66
C GLY E 101 21.02 13.31 13.53
N TYR E 102 19.85 13.32 12.92
CA TYR E 102 18.60 13.08 13.63
C TYR E 102 17.61 12.43 12.67
N SER E 103 16.53 11.90 13.24
CA SER E 103 15.41 11.38 12.46
C SER E 103 14.35 12.47 12.29
N GLY E 104 13.96 12.68 11.04
CA GLY E 104 13.05 13.77 10.71
C GLY E 104 12.73 13.70 9.24
N TYR E 105 11.82 14.56 8.81
CA TYR E 105 11.41 14.62 7.40
C TYR E 105 12.34 15.47 6.53
N GLY E 106 12.94 16.53 7.06
CA GLY E 106 13.83 17.33 6.26
C GLY E 106 15.24 17.19 6.81
N SER E 107 15.55 16.00 7.29
CA SER E 107 16.76 15.74 8.07
C SER E 107 18.00 16.21 7.32
N ALA E 108 18.86 16.93 8.03
CA ALA E 108 20.14 17.40 7.50
C ALA E 108 21.10 17.53 8.67
N GLU E 109 22.32 17.05 8.47
CA GLU E 109 23.29 17.02 9.57
C GLU E 109 23.73 18.44 9.92
N TYR E 110 24.00 18.66 11.20
CA TYR E 110 24.52 19.95 11.68
C TYR E 110 25.72 19.71 12.59
N PHE E 111 26.62 20.70 12.63
CA PHE E 111 27.86 20.59 13.37
C PHE E 111 27.73 21.30 14.72
N ASN E 112 27.71 20.53 15.81
CA ASN E 112 27.56 21.14 17.12
C ASN E 112 28.87 21.48 17.84
N HIS E 113 29.96 20.76 17.60
CA HIS E 113 31.24 21.03 18.25
C HIS E 113 32.28 21.34 17.19
N TRP E 114 33.01 22.44 17.38
CA TRP E 114 34.03 22.89 16.44
C TRP E 114 35.37 22.95 17.15
N GLY E 115 36.42 22.61 16.42
CA GLY E 115 37.75 22.70 16.97
C GLY E 115 38.20 24.12 17.19
N GLN E 116 39.47 24.28 17.54
CA GLN E 116 40.03 25.62 17.72
C GLN E 116 40.25 26.33 16.41
N GLY E 117 40.56 25.60 15.34
CA GLY E 117 40.99 26.19 14.10
C GLY E 117 42.49 26.10 13.96
N THR E 118 43.00 25.71 12.80
CA THR E 118 44.44 25.74 12.52
C THR E 118 44.70 26.55 11.26
N PRO E 119 45.42 27.68 11.35
CA PRO E 119 45.69 28.45 10.14
C PRO E 119 46.90 27.88 9.41
N VAL E 120 46.66 27.40 8.19
CA VAL E 120 47.71 26.86 7.33
C VAL E 120 47.99 27.92 6.27
N THR E 121 49.23 28.38 6.21
CA THR E 121 49.63 29.41 5.25
C THR E 121 50.63 28.85 4.26
N VAL E 122 50.37 29.05 2.98
CA VAL E 122 51.19 28.52 1.91
C VAL E 122 52.02 29.68 1.38
N SER E 123 53.33 29.62 1.58
CA SER E 123 54.22 30.69 1.14
C SER E 123 55.57 30.10 0.80
N SER E 124 56.25 30.73 -0.15
CA SER E 124 57.59 30.32 -0.54
C SER E 124 58.70 31.01 0.23
N ALA E 125 58.36 31.96 1.11
CA ALA E 125 59.34 32.71 1.87
C ALA E 125 59.60 31.97 3.18
N SER E 126 60.83 31.51 3.37
CA SER E 126 61.22 30.91 4.64
C SER E 126 61.33 31.98 5.74
N THR E 127 61.55 31.50 6.97
CA THR E 127 61.55 32.37 8.14
C THR E 127 62.55 33.52 7.97
N LYS E 128 62.19 34.68 8.54
CA LYS E 128 63.06 35.85 8.53
C LYS E 128 62.79 36.70 9.76
N GLY E 129 63.82 37.38 10.22
CA GLY E 129 63.71 38.26 11.36
C GLY E 129 63.25 39.64 10.96
N PRO E 130 62.70 40.40 11.91
CA PRO E 130 62.25 41.76 11.62
C PRO E 130 63.40 42.75 11.69
N SER E 131 63.32 43.75 10.82
CA SER E 131 64.19 44.92 10.87
C SER E 131 63.43 46.07 11.52
N VAL E 132 63.86 46.50 12.72
CA VAL E 132 63.09 47.44 13.55
C VAL E 132 63.72 48.82 13.45
N PHE E 133 63.03 49.74 12.80
CA PHE E 133 63.47 51.11 12.67
C PHE E 133 62.68 52.05 13.57
N PRO E 134 63.31 53.08 14.13
CA PRO E 134 62.60 54.00 15.02
C PRO E 134 61.87 55.08 14.22
N LEU E 135 60.72 55.47 14.76
CA LEU E 135 59.88 56.53 14.18
C LEU E 135 59.98 57.75 15.10
N ALA E 136 60.90 58.65 14.78
CA ALA E 136 61.20 59.76 15.66
C ALA E 136 60.00 60.72 15.76
N PRO E 137 59.66 61.18 16.97
CA PRO E 137 58.53 62.10 17.10
C PRO E 137 58.91 63.50 16.62
N SER E 138 58.02 64.09 15.83
CA SER E 138 58.12 65.51 15.44
C SER E 138 57.08 66.22 16.31
N SER E 139 57.55 66.77 17.45
CA SER E 139 56.63 67.31 18.44
C SER E 139 55.76 68.42 17.85
N LYS E 140 56.26 69.10 16.82
CA LYS E 140 55.54 70.19 16.18
C LYS E 140 54.58 69.71 15.10
N SER E 141 54.80 68.50 14.56
CA SER E 141 53.98 67.91 13.52
C SER E 141 52.85 67.03 14.05
N THR E 142 52.78 66.79 15.37
CA THR E 142 51.67 66.09 15.98
C THR E 142 50.86 67.08 16.84
N SER E 143 50.00 66.54 17.72
CA SER E 143 49.12 67.37 18.52
C SER E 143 49.91 68.36 19.38
N GLY E 144 49.26 69.46 19.73
CA GLY E 144 49.89 70.49 20.56
C GLY E 144 50.17 70.00 21.96
N GLY E 145 51.44 69.88 22.31
CA GLY E 145 51.83 69.33 23.59
C GLY E 145 51.83 67.82 23.68
N THR E 146 51.51 67.11 22.58
CA THR E 146 51.47 65.65 22.57
C THR E 146 52.20 65.13 21.34
N ALA E 147 53.14 64.22 21.55
CA ALA E 147 53.97 63.69 20.48
C ALA E 147 53.57 62.27 20.12
N ALA E 148 53.84 61.90 18.87
CA ALA E 148 53.56 60.55 18.36
C ALA E 148 54.85 59.94 17.86
N LEU E 149 55.29 58.87 18.53
CA LEU E 149 56.49 58.14 18.15
C LEU E 149 56.21 56.65 18.15
N GLY E 150 56.85 55.92 17.24
CA GLY E 150 56.61 54.50 17.12
C GLY E 150 57.78 53.69 16.61
N CYS E 151 57.53 52.42 16.25
CA CYS E 151 58.54 51.52 15.72
C CYS E 151 58.01 50.87 14.46
N LEU E 152 58.90 50.58 13.52
CA LEU E 152 58.52 49.97 12.25
C LEU E 152 59.22 48.63 12.10
N VAL E 153 58.57 47.58 12.60
CA VAL E 153 59.01 46.21 12.31
C VAL E 153 58.82 45.90 10.82
N LYS E 154 59.87 45.38 10.18
CA LYS E 154 59.83 45.25 8.73
C LYS E 154 60.51 43.99 8.24
N ASP E 155 59.96 43.45 7.15
CA ASP E 155 60.47 42.29 6.44
C ASP E 155 60.69 41.11 7.39
N TYR E 156 59.57 40.57 7.84
CA TYR E 156 59.62 39.41 8.73
C TYR E 156 58.57 38.37 8.32
N PHE E 157 59.00 37.11 8.34
CA PHE E 157 58.14 35.97 8.07
C PHE E 157 58.37 34.89 9.13
N PRO E 158 57.30 34.28 9.64
CA PRO E 158 55.88 34.59 9.45
C PRO E 158 55.36 35.65 10.40
N GLU E 159 54.04 35.71 10.58
CA GLU E 159 53.40 36.87 11.20
C GLU E 159 53.51 37.04 12.71
N PRO E 160 53.50 36.00 13.51
CA PRO E 160 53.44 36.21 14.97
C PRO E 160 54.53 37.18 15.46
N VAL E 161 54.10 38.27 16.10
CA VAL E 161 55.01 39.30 16.62
C VAL E 161 54.31 40.06 17.74
N THR E 162 55.11 40.52 18.70
CA THR E 162 54.58 41.22 19.86
C THR E 162 55.45 42.44 20.14
N VAL E 163 54.80 43.52 20.56
CA VAL E 163 55.45 44.81 20.77
C VAL E 163 55.03 45.32 22.14
N SER E 164 56.00 45.49 23.02
CA SER E 164 55.79 46.04 24.34
C SER E 164 56.72 47.21 24.52
N TRP E 165 56.19 48.32 25.02
CA TRP E 165 56.94 49.56 25.20
C TRP E 165 57.40 49.64 26.64
N ASN E 166 58.71 49.83 26.83
CA ASN E 166 59.31 49.99 28.16
C ASN E 166 59.03 48.77 29.05
N SER E 167 59.35 47.59 28.52
CA SER E 167 59.19 46.34 29.27
C SER E 167 57.76 46.18 29.78
N GLY E 168 56.79 46.75 29.06
CA GLY E 168 55.41 46.63 29.42
C GLY E 168 54.90 47.65 30.43
N ALA E 169 55.79 48.49 30.98
CA ALA E 169 55.35 49.51 31.92
C ALA E 169 54.51 50.58 31.23
N LEU E 170 54.83 50.91 29.99
CA LEU E 170 54.04 51.85 29.21
C LEU E 170 52.94 51.10 28.48
N THR E 171 51.70 51.47 28.75
CA THR E 171 50.57 50.80 28.09
C THR E 171 49.57 51.78 27.50
N SER E 172 49.25 52.86 28.22
CA SER E 172 48.31 53.85 27.69
C SER E 172 48.91 54.55 26.47
N GLY E 173 48.05 54.91 25.53
CA GLY E 173 48.46 55.52 24.29
C GLY E 173 49.20 54.60 23.34
N VAL E 174 49.63 53.43 23.81
CA VAL E 174 50.31 52.46 22.96
C VAL E 174 49.27 51.77 22.08
N HIS E 175 49.39 51.95 20.76
CA HIS E 175 48.45 51.34 19.81
C HIS E 175 49.24 50.67 18.69
N THR E 176 49.22 49.34 18.67
CA THR E 176 49.88 48.58 17.63
C THR E 176 48.92 48.33 16.48
N PHE E 177 49.45 48.31 15.27
CA PHE E 177 48.63 48.19 14.09
C PHE E 177 48.80 46.82 13.45
N PRO E 178 47.74 46.27 12.85
CA PRO E 178 47.87 44.99 12.15
C PRO E 178 48.89 45.10 11.03
N ALA E 179 49.78 44.10 10.96
CA ALA E 179 50.80 44.09 9.92
C ALA E 179 50.15 43.91 8.55
N VAL E 180 50.86 44.37 7.53
CA VAL E 180 50.45 44.24 6.15
C VAL E 180 51.36 43.23 5.45
N LEU E 181 50.82 42.61 4.41
CA LEU E 181 51.58 41.68 3.59
C LEU E 181 52.08 42.42 2.36
N GLN E 182 53.34 42.22 2.03
CA GLN E 182 53.99 42.93 0.94
C GLN E 182 54.10 42.04 -0.29
N SER E 183 54.37 42.68 -1.44
CA SER E 183 54.57 41.95 -2.67
C SER E 183 55.71 40.93 -2.56
N SER E 184 56.61 41.12 -1.60
CA SER E 184 57.69 40.16 -1.40
C SER E 184 57.25 38.94 -0.62
N GLY E 185 56.14 39.03 0.10
CA GLY E 185 55.69 37.95 0.97
C GLY E 185 56.09 38.11 2.41
N LEU E 186 56.71 39.22 2.79
CA LEU E 186 57.12 39.47 4.15
C LEU E 186 56.20 40.49 4.79
N TYR E 187 56.08 40.39 6.10
CA TYR E 187 55.18 41.25 6.85
C TYR E 187 55.91 42.48 7.38
N SER E 188 55.14 43.48 7.77
CA SER E 188 55.68 44.74 8.27
C SER E 188 54.56 45.41 9.04
N LEU E 189 54.84 45.80 10.28
CA LEU E 189 53.81 46.42 11.10
C LEU E 189 54.38 47.66 11.78
N SER E 190 53.49 48.41 12.45
CA SER E 190 53.86 49.64 13.12
C SER E 190 53.17 49.70 14.48
N SER E 191 53.92 50.11 15.49
CA SER E 191 53.40 50.27 16.84
C SER E 191 53.75 51.68 17.30
N VAL E 192 52.73 52.52 17.47
CA VAL E 192 52.94 53.90 17.86
C VAL E 192 52.41 54.11 19.27
N VAL E 193 52.95 55.13 19.94
CA VAL E 193 52.53 55.52 21.29
C VAL E 193 52.33 57.03 21.33
N THR E 194 51.33 57.48 22.08
CA THR E 194 50.99 58.89 22.19
C THR E 194 51.38 59.39 23.56
N VAL E 195 52.29 60.34 23.61
CA VAL E 195 52.84 60.83 24.87
C VAL E 195 52.91 62.35 24.84
N PRO E 196 52.96 62.99 26.01
CA PRO E 196 53.08 64.45 26.06
C PRO E 196 54.41 64.91 25.48
N SER E 197 54.39 66.10 24.88
CA SER E 197 55.61 66.66 24.28
C SER E 197 56.62 67.04 25.36
N SER E 198 56.15 67.36 26.56
CA SER E 198 57.06 67.75 27.63
C SER E 198 57.95 66.58 28.07
N SER E 199 57.46 65.35 27.95
CA SER E 199 58.19 64.19 28.42
C SER E 199 59.18 63.64 27.39
N LEU E 200 59.33 64.31 26.24
CA LEU E 200 60.22 63.78 25.21
C LEU E 200 61.67 63.75 25.69
N GLY E 201 62.14 64.85 26.29
CA GLY E 201 63.50 64.93 26.77
C GLY E 201 63.76 64.21 28.07
N THR E 202 62.71 63.81 28.79
CA THR E 202 62.83 63.19 30.09
C THR E 202 62.52 61.69 30.07
N GLN E 203 61.32 61.31 29.67
CA GLN E 203 60.94 59.91 29.68
C GLN E 203 61.69 59.13 28.60
N THR E 204 62.10 57.91 28.94
CA THR E 204 62.75 57.00 28.00
C THR E 204 61.70 56.14 27.31
N TYR E 205 61.89 55.90 26.02
CA TYR E 205 60.94 55.15 25.20
C TYR E 205 61.70 54.10 24.39
N ILE E 206 61.33 52.83 24.60
CA ILE E 206 61.94 51.71 23.91
C ILE E 206 60.85 50.69 23.61
N CYS E 207 60.65 50.38 22.33
CA CYS E 207 59.73 49.32 21.93
C CYS E 207 60.45 47.98 21.96
N ASN E 208 59.76 46.95 22.43
CA ASN E 208 60.32 45.61 22.56
C ASN E 208 59.62 44.71 21.55
N VAL E 209 60.37 44.28 20.54
CA VAL E 209 59.82 43.44 19.47
C VAL E 209 60.23 42.00 19.75
N ASN E 210 59.27 41.09 19.65
CA ASN E 210 59.50 39.67 19.88
C ASN E 210 58.91 38.91 18.71
N HIS E 211 59.75 38.33 17.88
CA HIS E 211 59.34 37.53 16.73
C HIS E 211 59.74 36.09 17.02
N LYS E 212 58.87 35.36 17.72
CA LYS E 212 59.20 34.00 18.12
C LYS E 212 59.47 33.04 16.96
N PRO E 213 58.82 33.15 15.80
CA PRO E 213 59.14 32.20 14.72
C PRO E 213 60.61 32.17 14.33
N SER E 214 61.25 33.34 14.20
CA SER E 214 62.69 33.41 13.94
C SER E 214 63.51 33.49 15.21
N ASN E 215 62.87 33.49 16.37
CA ASN E 215 63.53 33.53 17.67
C ASN E 215 64.32 34.81 17.87
N THR E 216 63.74 35.94 17.47
CA THR E 216 64.41 37.24 17.49
C THR E 216 63.68 38.17 18.45
N LYS E 217 64.44 38.81 19.34
CA LYS E 217 63.94 39.86 20.23
C LYS E 217 64.76 41.12 19.98
N VAL E 218 64.08 42.24 19.76
CA VAL E 218 64.75 43.47 19.35
C VAL E 218 64.29 44.61 20.26
N ASP E 219 65.25 45.33 20.84
CA ASP E 219 64.98 46.54 21.61
C ASP E 219 65.60 47.73 20.87
N LYS E 220 64.81 48.78 20.69
CA LYS E 220 65.25 49.97 19.96
C LYS E 220 64.72 51.20 20.68
N ARG E 221 65.62 52.15 20.95
CA ARG E 221 65.25 53.42 21.57
C ARG E 221 64.86 54.43 20.49
N VAL E 222 63.77 55.15 20.74
CA VAL E 222 63.21 56.10 19.78
C VAL E 222 63.48 57.50 20.32
N GLU E 223 64.50 58.17 19.75
CA GLU E 223 64.86 59.54 20.07
C GLU E 223 64.30 60.50 19.01
N PRO E 224 64.04 61.75 19.38
CA PRO E 224 63.62 62.74 18.38
C PRO E 224 64.71 62.95 17.33
N LYS E 225 64.33 63.57 16.22
CA LYS E 225 65.27 63.78 15.12
C LYS E 225 66.52 64.53 15.57
N SER F 2 23.01 24.00 -6.39
CA SER F 2 22.92 25.42 -6.12
C SER F 2 23.67 25.76 -4.85
N VAL F 3 23.35 26.92 -4.27
CA VAL F 3 24.01 27.47 -3.10
C VAL F 3 22.96 28.10 -2.20
N LEU F 4 23.39 28.57 -1.03
CA LEU F 4 22.54 29.37 -0.16
C LEU F 4 22.96 30.84 -0.25
N THR F 5 21.97 31.72 -0.40
CA THR F 5 22.18 33.16 -0.54
C THR F 5 21.87 33.87 0.77
N GLN F 6 22.78 34.72 1.22
CA GLN F 6 22.62 35.45 2.46
C GLN F 6 22.96 36.92 2.22
N PRO F 7 22.28 37.83 2.91
CA PRO F 7 22.65 39.25 2.84
C PRO F 7 24.10 39.45 3.21
N PRO F 8 24.90 40.08 2.34
CA PRO F 8 26.30 40.31 2.71
C PRO F 8 26.44 41.07 4.01
N SER F 9 25.51 41.97 4.30
CA SER F 9 25.61 42.81 5.47
C SER F 9 24.19 43.20 5.87
N VAL F 10 23.93 43.21 7.17
CA VAL F 10 22.70 43.77 7.72
C VAL F 10 23.06 44.55 8.98
N SER F 11 22.44 45.73 9.14
CA SER F 11 22.71 46.62 10.25
C SER F 11 21.47 46.75 11.12
N GLY F 12 21.68 46.80 12.43
CA GLY F 12 20.58 46.87 13.37
C GLY F 12 20.89 47.82 14.50
N ALA F 13 19.83 48.43 15.06
CA ALA F 13 19.95 49.33 16.19
C ALA F 13 19.71 48.58 17.49
N PRO F 14 20.42 48.94 18.57
CA PRO F 14 20.23 48.23 19.84
C PRO F 14 18.76 48.19 20.22
N GLY F 15 18.26 46.99 20.51
CA GLY F 15 16.89 46.79 20.94
C GLY F 15 15.91 46.45 19.82
N GLN F 16 16.28 46.67 18.57
CA GLN F 16 15.42 46.35 17.45
C GLN F 16 15.53 44.87 17.11
N ARG F 17 14.57 44.38 16.33
CA ARG F 17 14.66 43.02 15.81
C ARG F 17 15.51 43.01 14.55
N VAL F 18 16.11 41.86 14.26
CA VAL F 18 16.92 41.68 13.06
C VAL F 18 16.52 40.38 12.38
N THR F 19 16.32 40.43 11.08
CA THR F 19 15.91 39.27 10.29
C THR F 19 16.96 39.04 9.21
N ILE F 20 17.65 37.91 9.29
CA ILE F 20 18.64 37.54 8.29
C ILE F 20 18.07 36.44 7.40
N SER F 21 18.30 36.59 6.10
CA SER F 21 17.70 35.72 5.11
C SER F 21 18.64 34.60 4.71
N CYS F 22 18.05 33.49 4.27
CA CYS F 22 18.81 32.36 3.72
C CYS F 22 17.86 31.68 2.73
N THR F 23 18.02 32.00 1.45
CA THR F 23 17.16 31.46 0.41
C THR F 23 17.92 30.44 -0.42
N GLY F 24 17.26 29.33 -0.75
CA GLY F 24 17.89 28.29 -1.54
C GLY F 24 16.89 27.75 -2.55
N SER F 25 17.42 27.08 -3.57
CA SER F 25 16.59 26.56 -4.64
C SER F 25 15.96 25.24 -4.19
N ASN F 26 15.36 24.51 -5.15
CA ASN F 26 14.69 23.23 -4.85
C ASN F 26 15.65 22.10 -4.59
N SER F 27 16.94 22.27 -4.92
CA SER F 27 17.94 21.26 -4.62
C SER F 27 18.29 21.23 -3.14
N ASN F 28 18.04 22.32 -2.39
CA ASN F 28 18.40 22.35 -0.98
C ASN F 28 17.17 22.73 -0.16
N ILE F 29 17.03 24.00 0.23
CA ILE F 29 15.95 24.37 1.15
C ILE F 29 14.59 24.13 0.52
N GLY F 30 14.52 24.02 -0.81
CA GLY F 30 13.25 23.80 -1.47
C GLY F 30 12.63 22.45 -1.12
N ALA F 31 13.46 21.41 -1.06
CA ALA F 31 13.03 20.17 -0.42
C ALA F 31 12.99 20.38 1.10
N GLY F 32 12.57 19.35 1.83
CA GLY F 32 12.33 19.55 3.25
C GLY F 32 13.55 20.00 4.04
N TYR F 33 14.72 19.92 3.45
CA TYR F 33 15.98 20.00 4.19
C TYR F 33 16.00 21.19 5.13
N ASP F 34 16.27 20.92 6.40
CA ASP F 34 16.28 21.96 7.42
C ASP F 34 17.49 22.89 7.25
N VAL F 35 17.44 24.02 7.96
CA VAL F 35 18.53 24.97 7.97
C VAL F 35 19.09 25.05 9.39
N HIS F 36 20.38 25.31 9.48
CA HIS F 36 21.09 25.41 10.74
C HIS F 36 21.87 26.71 10.70
N TRP F 37 21.86 27.44 11.81
CA TRP F 37 22.46 28.76 11.87
C TRP F 37 23.67 28.73 12.79
N TYR F 38 24.71 29.50 12.43
CA TYR F 38 25.92 29.56 13.22
C TYR F 38 26.31 31.02 13.44
N GLN F 39 26.73 31.33 14.66
CA GLN F 39 27.36 32.59 15.00
C GLN F 39 28.87 32.39 15.01
N GLN F 40 29.59 33.30 14.36
CA GLN F 40 31.05 33.26 14.37
C GLN F 40 31.60 34.65 14.61
N LEU F 41 32.18 34.86 15.78
CA LEU F 41 32.83 36.13 16.09
C LEU F 41 34.16 36.23 15.34
N PRO F 42 34.65 37.44 15.13
CA PRO F 42 35.97 37.60 14.50
C PRO F 42 37.02 36.86 15.31
N GLY F 43 37.80 36.02 14.62
CA GLY F 43 38.91 35.33 15.23
C GLY F 43 38.51 34.12 16.06
N THR F 44 37.23 33.91 16.30
CA THR F 44 36.76 32.75 17.02
C THR F 44 36.25 31.68 16.05
N ALA F 45 36.31 30.42 16.49
CA ALA F 45 35.76 29.33 15.70
C ALA F 45 34.23 29.40 15.72
N PRO F 46 33.56 29.12 14.60
CA PRO F 46 32.09 29.17 14.59
C PRO F 46 31.49 28.36 15.72
N LYS F 47 30.30 28.75 16.15
CA LYS F 47 29.57 27.95 17.12
C LYS F 47 28.13 27.78 16.66
N LEU F 48 27.59 26.58 16.88
CA LEU F 48 26.20 26.31 16.52
C LEU F 48 25.27 27.29 17.23
N LEU F 49 24.39 27.92 16.45
CA LEU F 49 23.40 28.86 16.97
C LEU F 49 21.99 28.30 16.97
N ILE F 50 21.54 27.72 15.85
CA ILE F 50 20.20 27.16 15.73
C ILE F 50 20.26 25.91 14.86
N TYR F 51 19.70 24.82 15.36
CA TYR F 51 19.51 23.59 14.61
C TYR F 51 18.03 23.29 14.49
N ALA F 52 17.67 22.56 13.43
CA ALA F 52 16.28 22.22 13.14
C ALA F 52 15.40 23.43 12.91
N ASN F 53 16.02 24.59 12.68
CA ASN F 53 15.32 25.84 12.40
C ASN F 53 14.77 26.49 13.66
N ASN F 54 13.96 25.78 14.42
CA ASN F 54 13.28 26.37 15.57
C ASN F 54 13.92 25.99 16.89
N ASN F 55 15.09 25.37 16.89
CA ASN F 55 15.69 24.85 18.11
C ASN F 55 17.05 25.50 18.34
N ARG F 56 17.34 25.75 19.62
CA ARG F 56 18.60 26.36 20.01
C ARG F 56 19.23 25.53 21.12
N PRO F 57 20.53 25.26 21.05
CA PRO F 57 21.20 24.50 22.12
C PRO F 57 21.36 25.33 23.39
N SER F 58 21.47 24.62 24.52
CA SER F 58 21.57 25.29 25.81
C SER F 58 22.83 26.13 25.87
N GLY F 59 22.65 27.43 26.05
CA GLY F 59 23.74 28.38 25.91
C GLY F 59 23.45 29.44 24.87
N VAL F 60 22.53 29.19 23.96
CA VAL F 60 22.06 30.20 23.00
C VAL F 60 20.94 30.98 23.67
N PRO F 61 21.04 32.32 23.76
CA PRO F 61 20.04 33.08 24.51
C PRO F 61 18.66 33.03 23.88
N ASP F 62 17.68 33.46 24.66
CA ASP F 62 16.28 33.31 24.31
C ASP F 62 15.87 34.22 23.15
N ARG F 63 16.64 35.27 22.85
CA ARG F 63 16.24 36.23 21.81
C ARG F 63 16.55 35.73 20.41
N PHE F 64 17.37 34.69 20.30
CA PHE F 64 17.63 34.08 19.00
C PHE F 64 16.52 33.08 18.68
N SER F 65 15.97 33.19 17.49
CA SER F 65 14.93 32.28 17.05
C SER F 65 15.12 32.01 15.57
N GLY F 66 14.40 31.01 15.07
CA GLY F 66 14.46 30.63 13.68
C GLY F 66 13.09 30.24 13.15
N SER F 67 12.90 30.48 11.86
CA SER F 67 11.65 30.19 11.18
C SER F 67 11.93 29.71 9.77
N ARG F 68 11.02 28.92 9.23
CA ARG F 68 11.11 28.42 7.87
C ARG F 68 9.74 28.55 7.22
N SER F 69 9.72 28.87 5.93
CA SER F 69 8.45 28.98 5.23
C SER F 69 8.75 28.84 3.73
N GLY F 70 8.71 27.61 3.25
CA GLY F 70 8.88 27.35 1.83
C GLY F 70 10.35 27.18 1.48
N THR F 71 10.82 28.01 0.55
CA THR F 71 12.21 27.95 0.10
C THR F 71 13.07 29.02 0.76
N SER F 72 12.76 29.40 2.00
CA SER F 72 13.51 30.43 2.71
C SER F 72 13.68 30.05 4.16
N ALA F 73 14.56 30.78 4.85
CA ALA F 73 14.84 30.57 6.26
C ALA F 73 15.31 31.88 6.90
N SER F 74 14.93 32.07 8.16
CA SER F 74 15.11 33.36 8.83
C SER F 74 15.69 33.15 10.21
N LEU F 75 16.72 33.93 10.52
CA LEU F 75 17.27 34.04 11.87
C LEU F 75 16.84 35.38 12.44
N VAL F 76 16.26 35.37 13.64
CA VAL F 76 15.75 36.57 14.27
C VAL F 76 16.49 36.85 15.56
N ILE F 77 16.85 38.11 15.76
CA ILE F 77 17.47 38.59 16.99
C ILE F 77 16.59 39.69 17.56
N THR F 78 15.94 39.41 18.69
CA THR F 78 15.01 40.36 19.29
C THR F 78 15.73 41.53 19.94
N GLY F 79 16.39 41.30 21.07
CA GLY F 79 17.03 42.36 21.82
C GLY F 79 18.47 42.62 21.44
N LEU F 80 18.69 43.37 20.37
CA LEU F 80 20.04 43.53 19.84
C LEU F 80 20.99 44.07 20.92
N GLN F 81 22.13 43.40 21.08
CA GLN F 81 23.15 43.80 22.02
C GLN F 81 24.46 44.03 21.27
N ALA F 82 25.40 44.67 21.95
CA ALA F 82 26.71 44.85 21.35
C ALA F 82 27.41 43.52 21.13
N ASP F 83 26.99 42.48 21.82
CA ASP F 83 27.57 41.16 21.68
C ASP F 83 27.07 40.43 20.44
N ASP F 84 26.20 41.03 19.65
CA ASP F 84 25.65 40.36 18.48
C ASP F 84 26.39 40.72 17.20
N GLU F 85 27.41 41.56 17.28
CA GLU F 85 28.21 41.92 16.12
C GLU F 85 29.03 40.70 15.69
N ALA F 86 28.63 40.05 14.61
CA ALA F 86 29.36 38.86 14.19
C ALA F 86 28.95 38.48 12.77
N ASP F 87 29.59 37.42 12.26
CA ASP F 87 29.15 36.75 11.05
C ASP F 87 28.15 35.68 11.39
N TYR F 88 27.15 35.52 10.54
CA TYR F 88 26.13 34.49 10.69
C TYR F 88 26.06 33.72 9.39
N TYR F 89 26.20 32.40 9.47
CA TYR F 89 26.10 31.54 8.32
C TYR F 89 24.94 30.58 8.53
N CYS F 90 24.23 30.27 7.45
CA CYS F 90 23.23 29.21 7.45
C CYS F 90 23.81 27.99 6.74
N GLN F 91 23.31 26.80 7.12
CA GLN F 91 23.80 25.56 6.55
C GLN F 91 22.62 24.61 6.38
N SER F 92 22.61 23.93 5.25
CA SER F 92 21.56 22.99 4.89
C SER F 92 22.19 21.92 4.01
N TYR F 93 21.39 20.97 3.56
CA TYR F 93 21.85 19.88 2.72
C TYR F 93 21.44 20.14 1.29
N ASP F 94 22.26 19.74 0.37
CA ASP F 94 21.94 19.84 -1.04
C ASP F 94 21.90 18.45 -1.66
N SER F 95 21.12 18.33 -2.72
CA SER F 95 21.00 17.06 -3.44
C SER F 95 21.99 16.97 -4.58
N SER F 96 22.15 18.05 -5.35
CA SER F 96 23.12 18.03 -6.45
C SER F 96 24.53 17.83 -5.92
N LEU F 97 24.87 18.51 -4.84
CA LEU F 97 26.16 18.32 -4.19
C LEU F 97 26.21 17.02 -3.40
N THR F 98 25.08 16.44 -3.06
CA THR F 98 25.06 15.24 -2.23
C THR F 98 25.87 15.48 -0.95
N GLY F 99 25.86 16.70 -0.45
CA GLY F 99 26.55 17.01 0.81
C GLY F 99 26.08 18.34 1.36
N SER F 100 26.56 18.64 2.58
CA SER F 100 26.23 19.88 3.26
C SER F 100 26.76 21.09 2.51
N LEU F 101 26.10 22.23 2.72
CA LEU F 101 26.37 23.44 1.97
C LEU F 101 26.12 24.64 2.87
N PHE F 102 27.01 25.62 2.80
CA PHE F 102 26.91 26.83 3.59
C PHE F 102 26.48 28.02 2.72
N GLY F 103 26.23 29.14 3.38
CA GLY F 103 25.93 30.37 2.70
C GLY F 103 27.13 31.29 2.66
N GLY F 104 26.89 32.49 2.13
CA GLY F 104 27.96 33.47 1.99
C GLY F 104 28.38 34.12 3.29
N GLY F 105 27.51 34.11 4.29
CA GLY F 105 27.70 34.81 5.54
C GLY F 105 27.00 36.16 5.56
N THR F 106 26.75 36.66 6.76
CA THR F 106 26.19 37.99 6.95
C THR F 106 26.78 38.59 8.21
N LYS F 107 27.39 39.78 8.09
CA LYS F 107 27.99 40.46 9.23
C LYS F 107 26.98 41.44 9.80
N LEU F 108 26.70 41.32 11.10
CA LEU F 108 25.69 42.12 11.77
C LEU F 108 26.37 43.29 12.47
N THR F 109 26.01 44.50 12.05
CA THR F 109 26.56 45.72 12.64
C THR F 109 25.51 46.32 13.57
N VAL F 110 25.77 46.25 14.89
CA VAL F 110 24.89 46.88 15.89
C VAL F 110 25.18 48.39 15.91
N LEU F 111 24.17 49.23 15.57
CA LEU F 111 24.37 50.67 15.43
C LEU F 111 24.19 51.35 16.78
N GLY F 112 25.10 51.08 17.75
CA GLY F 112 24.98 51.76 19.01
C GLY F 112 26.02 52.82 19.17
N GLN F 113 27.25 52.52 18.74
CA GLN F 113 28.35 53.48 18.88
C GLN F 113 28.14 54.64 17.89
N PRO F 114 28.63 55.84 18.19
CA PRO F 114 28.43 56.96 17.28
C PRO F 114 29.47 57.10 16.19
N LYS F 115 29.42 58.19 15.44
CA LYS F 115 30.39 58.48 14.39
C LYS F 115 31.68 59.05 15.00
N ALA F 116 32.79 58.83 14.29
CA ALA F 116 34.09 59.37 14.68
C ALA F 116 34.97 59.57 13.45
N ALA F 117 35.83 60.67 13.49
CA ALA F 117 36.72 61.02 12.40
C ALA F 117 38.11 60.43 12.62
N PRO F 118 38.86 60.18 11.54
CA PRO F 118 40.16 59.52 11.68
C PRO F 118 41.28 60.42 12.19
N SER F 119 42.27 59.77 12.83
CA SER F 119 43.48 60.42 13.33
C SER F 119 44.64 59.92 12.45
N VAL F 120 45.01 60.72 11.47
CA VAL F 120 46.04 60.33 10.50
C VAL F 120 47.40 60.79 11.02
N THR F 121 48.37 59.89 10.97
CA THR F 121 49.74 60.17 11.38
C THR F 121 50.67 59.61 10.32
N LEU F 122 51.55 60.46 9.78
CA LEU F 122 52.48 60.05 8.73
C LEU F 122 53.92 60.15 9.25
N PHE F 123 54.73 59.16 8.90
CA PHE F 123 56.12 59.08 9.32
C PHE F 123 57.02 58.98 8.09
N PRO F 124 58.10 59.77 8.03
CA PRO F 124 59.00 59.71 6.86
C PRO F 124 60.10 58.68 7.07
N PRO F 125 60.72 58.23 5.98
CA PRO F 125 61.76 57.20 6.09
C PRO F 125 62.87 57.66 7.02
N SER F 126 63.15 56.86 8.04
CA SER F 126 64.18 57.20 9.01
C SER F 126 65.57 57.22 8.36
N SER F 127 66.48 57.93 9.02
CA SER F 127 67.85 57.97 8.52
C SER F 127 68.51 56.61 8.63
N GLU F 128 68.05 55.76 9.55
CA GLU F 128 68.62 54.43 9.67
C GLU F 128 68.20 53.53 8.51
N GLU F 129 66.94 53.65 8.08
CA GLU F 129 66.44 52.82 7.00
C GLU F 129 67.05 53.22 5.67
N LEU F 130 67.21 54.52 5.43
CA LEU F 130 67.79 54.94 4.16
C LEU F 130 69.18 54.33 3.96
N GLN F 131 69.93 54.09 5.04
CA GLN F 131 71.24 53.46 4.90
C GLN F 131 71.14 52.03 4.40
N ALA F 132 70.03 51.36 4.68
CA ALA F 132 69.77 50.02 4.17
C ALA F 132 69.29 50.01 2.73
N ASN F 133 69.41 51.15 2.03
CA ASN F 133 68.98 51.27 0.64
C ASN F 133 67.49 50.98 0.52
N LYS F 134 66.70 51.47 1.48
CA LYS F 134 65.27 51.25 1.50
C LYS F 134 64.59 52.45 2.15
N ALA F 135 63.40 52.79 1.65
CA ALA F 135 62.63 53.91 2.14
C ALA F 135 61.16 53.52 2.19
N THR F 136 60.54 53.68 3.35
CA THR F 136 59.17 53.25 3.59
C THR F 136 58.43 54.35 4.33
N LEU F 137 57.35 54.85 3.73
CA LEU F 137 56.45 55.79 4.39
C LEU F 137 55.31 55.04 5.06
N VAL F 138 54.92 55.51 6.24
CA VAL F 138 53.95 54.82 7.09
C VAL F 138 52.81 55.76 7.42
N CYS F 139 51.60 55.40 7.02
CA CYS F 139 50.42 56.24 7.23
C CYS F 139 49.49 55.51 8.19
N LEU F 140 49.45 55.96 9.43
CA LEU F 140 48.65 55.34 10.48
C LEU F 140 47.32 56.06 10.62
N ILE F 141 46.23 55.29 10.66
CA ILE F 141 44.88 55.81 10.70
C ILE F 141 44.17 55.18 11.90
N SER F 142 43.65 56.02 12.78
CA SER F 142 43.07 55.50 14.02
C SER F 142 41.80 56.26 14.32
N ASP F 143 40.97 55.63 15.16
CA ASP F 143 39.73 56.23 15.67
C ASP F 143 38.82 56.73 14.53
N PHE F 144 38.58 55.89 13.53
CA PHE F 144 37.64 56.25 12.46
C PHE F 144 36.47 55.27 12.48
N TYR F 145 35.25 55.81 12.55
CA TYR F 145 34.03 55.03 12.51
C TYR F 145 33.03 55.65 11.55
N PRO F 146 32.40 54.83 10.66
CA PRO F 146 32.50 53.37 10.52
C PRO F 146 33.85 52.94 9.97
N GLY F 147 34.04 51.63 9.78
CA GLY F 147 35.30 51.11 9.28
C GLY F 147 35.49 51.22 7.79
N ALA F 148 34.99 52.30 7.17
CA ALA F 148 35.18 52.55 5.75
C ALA F 148 36.24 53.63 5.56
N VAL F 149 37.31 53.31 4.83
CA VAL F 149 38.39 54.26 4.57
C VAL F 149 39.01 53.94 3.21
N THR F 150 39.45 55.00 2.53
CA THR F 150 40.17 54.89 1.26
C THR F 150 41.45 55.69 1.40
N VAL F 151 42.55 55.16 0.88
CA VAL F 151 43.86 55.78 1.03
C VAL F 151 44.41 56.13 -0.35
N ALA F 152 44.79 57.39 -0.51
CA ALA F 152 45.39 57.90 -1.74
C ALA F 152 46.73 58.52 -1.38
N TRP F 153 47.79 58.00 -1.97
CA TRP F 153 49.13 58.54 -1.82
C TRP F 153 49.46 59.42 -3.02
N LYS F 154 50.31 60.41 -2.80
CA LYS F 154 50.66 61.38 -3.83
C LYS F 154 52.14 61.72 -3.74
N ALA F 155 52.82 61.73 -4.88
CA ALA F 155 54.20 62.16 -4.99
C ALA F 155 54.15 63.56 -5.59
N ASP F 156 54.49 64.56 -4.78
CA ASP F 156 54.40 65.96 -5.18
C ASP F 156 52.95 66.21 -5.56
N SER F 157 52.64 66.68 -6.77
CA SER F 157 51.26 66.93 -7.14
C SER F 157 50.61 65.78 -7.89
N SER F 158 51.40 64.78 -8.32
CA SER F 158 50.82 63.67 -9.05
C SER F 158 50.62 62.49 -8.13
N PRO F 159 49.46 61.82 -8.17
CA PRO F 159 49.26 60.67 -7.28
C PRO F 159 50.15 59.50 -7.69
N VAL F 160 50.66 58.77 -6.67
CA VAL F 160 51.49 57.58 -6.92
C VAL F 160 50.52 56.49 -7.35
N LYS F 161 51.05 55.34 -7.77
CA LYS F 161 50.21 54.28 -8.30
C LYS F 161 50.60 52.92 -7.74
N ALA F 162 51.88 52.57 -7.88
CA ALA F 162 52.36 51.26 -7.50
C ALA F 162 53.26 51.34 -6.28
N GLY F 163 53.40 50.19 -5.63
CA GLY F 163 54.22 50.08 -4.43
C GLY F 163 53.48 50.45 -3.17
N VAL F 164 52.15 50.45 -3.22
CA VAL F 164 51.31 50.88 -2.11
C VAL F 164 50.64 49.65 -1.53
N GLU F 165 50.62 49.55 -0.21
CA GLU F 165 49.96 48.45 0.48
C GLU F 165 49.21 48.99 1.68
N THR F 166 47.93 48.63 1.81
CA THR F 166 47.09 49.08 2.90
C THR F 166 46.46 47.89 3.59
N THR F 167 46.28 48.00 4.90
CA THR F 167 45.66 46.93 5.66
C THR F 167 44.13 47.06 5.64
N THR F 168 43.46 46.03 6.12
CA THR F 168 42.02 46.09 6.22
C THR F 168 41.63 46.70 7.57
N PRO F 169 40.66 47.62 7.61
CA PRO F 169 40.29 48.24 8.90
C PRO F 169 39.92 47.20 9.94
N SER F 170 40.58 47.27 11.10
CA SER F 170 40.37 46.33 12.19
C SER F 170 39.89 47.09 13.42
N LYS F 171 38.88 46.55 14.08
CA LYS F 171 38.31 47.24 15.22
C LYS F 171 39.32 47.33 16.34
N GLN F 172 39.32 48.47 17.02
CA GLN F 172 40.14 48.72 18.19
C GLN F 172 39.35 48.40 19.45
N SER F 173 39.94 48.70 20.61
CA SER F 173 39.23 48.58 21.88
C SER F 173 38.09 49.60 21.99
N ASN F 174 38.19 50.72 21.28
CA ASN F 174 37.22 51.81 21.38
C ASN F 174 36.09 51.63 20.38
N ASN F 175 36.01 50.43 19.77
CA ASN F 175 35.05 50.04 18.74
C ASN F 175 35.21 50.87 17.47
N LYS F 176 36.16 51.80 17.47
CA LYS F 176 36.54 52.49 16.26
C LYS F 176 37.47 51.59 15.45
N TYR F 177 37.87 52.03 14.26
CA TYR F 177 38.63 51.19 13.35
C TYR F 177 39.99 51.83 13.09
N ALA F 178 40.99 50.99 12.83
CA ALA F 178 42.36 51.47 12.62
C ALA F 178 42.99 50.71 11.46
N ALA F 179 43.67 51.44 10.57
CA ALA F 179 44.33 50.85 9.42
C ALA F 179 45.65 51.57 9.15
N SER F 180 46.49 50.90 8.37
CA SER F 180 47.84 51.33 8.08
C SER F 180 48.04 51.30 6.57
N SER F 181 48.84 52.23 6.07
CA SER F 181 49.19 52.25 4.66
C SER F 181 50.70 52.46 4.53
N TYR F 182 51.31 51.71 3.62
CA TYR F 182 52.76 51.74 3.43
C TYR F 182 53.08 51.98 1.97
N LEU F 183 53.85 53.03 1.69
CA LEU F 183 54.38 53.30 0.36
C LEU F 183 55.86 52.95 0.40
N SER F 184 56.22 51.84 -0.24
CA SER F 184 57.61 51.40 -0.30
C SER F 184 58.30 52.06 -1.48
N LEU F 185 59.44 52.71 -1.19
CA LEU F 185 60.18 53.46 -2.18
C LEU F 185 61.66 53.12 -2.12
N THR F 186 62.38 53.48 -3.19
CA THR F 186 63.83 53.50 -3.21
C THR F 186 64.33 54.83 -2.65
N PRO F 187 65.51 54.85 -2.02
CA PRO F 187 66.02 56.12 -1.48
C PRO F 187 66.07 57.24 -2.51
N GLU F 188 66.34 56.92 -3.78
CA GLU F 188 66.39 57.96 -4.81
C GLU F 188 65.02 58.58 -5.02
N GLN F 189 63.96 57.77 -5.00
CA GLN F 189 62.61 58.29 -5.20
C GLN F 189 62.19 59.15 -4.02
N TRP F 190 62.64 58.81 -2.81
CA TRP F 190 62.28 59.60 -1.64
C TRP F 190 62.84 60.99 -1.74
N LYS F 191 64.12 61.10 -2.07
CA LYS F 191 64.79 62.40 -2.14
C LYS F 191 64.46 63.16 -3.40
N SER F 192 64.03 62.48 -4.46
CA SER F 192 63.73 63.16 -5.72
C SER F 192 62.52 64.08 -5.57
N HIS F 193 61.40 63.53 -5.12
CA HIS F 193 60.19 64.32 -4.93
C HIS F 193 60.32 65.19 -3.68
N ARG F 194 59.80 66.41 -3.77
CA ARG F 194 59.91 67.36 -2.66
C ARG F 194 58.93 67.08 -1.53
N SER F 195 57.81 66.40 -1.81
CA SER F 195 56.81 66.13 -0.78
C SER F 195 55.99 64.91 -1.15
N TYR F 196 55.80 64.02 -0.18
CA TYR F 196 54.94 62.86 -0.29
C TYR F 196 53.76 63.03 0.66
N SER F 197 52.55 62.73 0.17
CA SER F 197 51.34 62.98 0.94
C SER F 197 50.47 61.73 0.99
N CYS F 198 49.92 61.46 2.17
CA CYS F 198 48.95 60.40 2.39
C CYS F 198 47.59 61.01 2.65
N GLN F 199 46.58 60.57 1.90
CA GLN F 199 45.24 61.15 1.95
C GLN F 199 44.24 60.06 2.28
N VAL F 200 43.41 60.30 3.29
CA VAL F 200 42.49 59.31 3.83
C VAL F 200 41.08 59.90 3.82
N THR F 201 40.21 59.34 2.98
CA THR F 201 38.81 59.76 2.90
C THR F 201 37.97 58.87 3.79
N HIS F 202 37.06 59.49 4.56
CA HIS F 202 36.22 58.76 5.50
C HIS F 202 34.93 59.54 5.69
N GLU F 203 33.84 59.00 5.17
CA GLU F 203 32.53 59.64 5.32
C GLU F 203 32.61 61.09 4.89
N GLY F 204 33.04 61.29 3.65
CA GLY F 204 33.16 62.64 3.11
C GLY F 204 34.37 63.38 3.61
N SER F 205 34.61 63.34 4.92
CA SER F 205 35.81 63.94 5.49
C SER F 205 37.06 63.26 4.93
N THR F 206 38.01 64.06 4.45
CA THR F 206 39.27 63.57 3.93
C THR F 206 40.40 64.33 4.60
N VAL F 207 41.34 63.61 5.19
CA VAL F 207 42.45 64.20 5.93
C VAL F 207 43.74 63.83 5.19
N GLU F 208 44.71 64.75 5.23
CA GLU F 208 45.97 64.60 4.52
C GLU F 208 47.13 64.97 5.43
N LYS F 209 48.21 64.19 5.34
CA LYS F 209 49.48 64.49 5.97
C LYS F 209 50.56 64.43 4.91
N THR F 210 51.63 65.21 5.11
CA THR F 210 52.68 65.31 4.10
C THR F 210 54.03 65.44 4.76
N VAL F 211 55.02 64.78 4.17
CA VAL F 211 56.40 64.81 4.64
C VAL F 211 57.30 65.25 3.49
N ALA F 212 58.50 65.72 3.85
CA ALA F 212 59.48 66.22 2.90
C ALA F 212 60.85 65.66 3.26
N PRO F 213 61.70 65.37 2.27
CA PRO F 213 63.04 64.84 2.59
C PRO F 213 63.84 65.74 3.51
N THR F 214 63.53 67.02 3.59
CA THR F 214 64.30 67.95 4.40
C THR F 214 63.93 67.83 5.87
#